data_8ONZ
#
_entry.id   8ONZ
#
_cell.length_a   1.00
_cell.length_b   1.00
_cell.length_c   1.00
_cell.angle_alpha   90.00
_cell.angle_beta   90.00
_cell.angle_gamma   90.00
#
_symmetry.space_group_name_H-M   'P 1'
#
loop_
_entity.id
_entity.type
_entity.pdbx_description
1 polymer 'Ribosomal protein L19'
2 polymer '60S ribosomal protein L25-like protein'
3 polymer '60S ribosomal protein L26-like protein'
4 polymer 'dolichyl-diphosphooligosaccharide--protein glycotransferase'
5 polymer '60S ribosomal protein L38-like protein'
6 polymer '28S rRNA'
7 polymer '5.8S rRNA'
8 polymer 'Methionine aminopeptidase 2'
#
loop_
_entity_poly.entity_id
_entity_poly.type
_entity_poly.pdbx_seq_one_letter_code
_entity_poly.pdbx_strand_id
1 'polypeptide(L)'
;MSEPVANDAAPGSFDLEQARTALTSSSTTVRIAQLRAIDEKISHNSLDRPALLGLLKVLFWTHTFYADRPSRRAVQKCLT
SITKCSEAESFVPPLVAAIRQEAQKQAIAQANSFALVEWCSLLIQNLAGTSLWEKCSKDLVLATADALEKSLQPTARGSV
GHSALVITRRGFRKLVQADQAAVSTAIGVLAAKDAKPTAKNSVLLGVIAGVCARQPEAKAVVEDLKGQYFTFYAREIIGS
RTALPSHIADGLHDFFAAFVSLEDLDKEVFPAIEKGLLRAPEVVLNDLITPLVKALPKLDLSKALNSRFVKPLLSNIKSS
NAVIRSGAVRAFREIATVCRDFADLEKTADEVLGPLKTNKLASADHRVLHSEMLSGLPLSASIATKIATGLPAVTSKEAN
EAALSAETLALNASALFLLRTPEVPKALLDAYVKGLGDKKVSSRRIWILRTGDLLQAFAQEAELPAGFVAFAEAVVPSLL
TIFNEVVANPTAAVQSGLVTGALVVAGLSGLLQRLENANIQALLKKAAVQKNSLILDPKPSFVLSQRLYSKYPEDDLKWF
CRALSAIVEGLLSSSDAIKLAWTQAFIFLICSATTPSAVRRQAIDALSDLSARSLKPGCQFVATEIIKGLWHWIATSEAA
EKESAAVLAKSGTSNLHLVLKAICLSPAELNRRSGGDVDKAQLQAQMCSLLVLAKQQLIPRASWIDLCLKVQVDPGQLAK
DHEDALIDEIVRCTGHEQKSEATKQAAYSAAAELVFVSPENMTSRIVALIQDDLDAAVVSTVGPLEAAIFRTPEGTTFVD
VLAKRQNVVPNKNVKDYDLLKWEEELRQQLAEKKGIQKKLTAEEQAKVSAQLKKEAEIRENVRKIAAKLLRGFGVVKALA
TGPPTDATRWMGAAVSSTLAAINAGATRITGETGPLAFVSLSEQITSRIGSFIRPFMGVATLRAYEVTALPENLTEEPFE
ELITRVLYRLRFVGEQRPLDTVSLIYVLPLVLYVLEKGGFAKDADEKDAQLVLAIEILSFHTDVAFDEALPRAEILSSLI
SSMQKYSQHYKILKDCFSDMVRCIAPNISPAEIGVLARGAIVPQTSVRTAVLQAISADVDMSDVNASEEIWLACHDDIDE
NAELGREIWEESEWKTSEELGHKMIPYLESKDVQLRRAAAKSLAEVAGQHPDVVAPILEKLRESYVELAKPRVQQLDEFG
MPKKMDLSDPWEARHGIALAFKGLAPHLEKRQLEPYFNFLIEQGPLGDQSAGVRAEMLEAANMTIEIHGKEILDRLMKTF
EKVLEAPDKNSEAADRVNEAVIIMYGALARHLKPGDKKIPVVIERLLATLSTPSEAVQYAIAECLPPLVRTCADKSSKYF
DEMMEILLTSKKYSEQRGAAYGLAGLVLGRGINVLKEYRIMTQLNSALENKKEIRQRESAMIAYELLSTILGRLFEPYVI
QIVPQLLAGFGDGNADVREAALAAAKACFAKLSSYGVKQILPTLLNGLDDDQWRSKKGACDLLGAMAYLDPQQLAQNLPE
IIPPLTAVLNDSHKEVRAAANRSLKRFGEVITNPEIKSLIDILLKALSDPTKYTDDALDALIKVQFVHYLDAPSLALVSR
ILQRGLGDRSNTKRKASQVIGSLAHLTERKDLIAHLPVLVAGLKVAVVDPVPTTRATASRALGSLVEKLGEDALPDLIPN
LMQTLKSDTSAGDRLGSAQALSEVLAGLGTSRLEETLPTILQNVESPKPAVREGFMSLFIFLPVCFGNSFANYLGKIIPP
ILSGLADDVESIRETALRAGRLLVKNFAVRAVDLLLPELERGLADDNYRIRLSSVELVGDLLFNLAGVKASANKEEDEAD
QDITKEAGASLREVLGEEKRNKILSALYVCRCDTAGAVRAAAVTVWKQLVHSPRTLKELVPTLTQLLIKRLGSSNMEHKV
IASNALGELIKKAGDGVLATLLPTLEEGLQTSRDVNAKQGICLALKELISSASPEALEDHEKTLISVVRTALTDSDSDVR
EAAAEAFDSLQQIIGKRAIDQVLPFLLNLLRSEEEANNALAALLTLLTEPTRANIILPNLIPTLITPPISAFNAKALASL
SKVAGAAMNRRLPNIINSLMDNIVGCADETLREELDTSFDTVILSIDDTDGLNVVMNVLLQLIKHEDHRKRAATGRHLAK
FFSAATVNYSRYNQDIIRALLISFDDKDMEVVKASWNALNEFTKRLKKEEMEGLVISTRQTLLQVGVAGRELAGFELPKG
INAILPIFLQGLMNGTAEQRVAAALGISDIVDRTTEASLKPFVTQITGPLIRVVSERSTEVRSAILLTLNHLLEKMPTAL
KPFLPQLQRTFAKSLADTSSEILRSRAARALGTLIKYTPRVDPLIAELVTGSKTTDAGVKTAMLKALYEVISKAGSNMGE
SSRAAVLGLIDMEPDENDKAMTITNAKLFGALMKNVPADMAVGLLKNRVMVREFTTSSVLALNAVLLESPSSLLDSPLAE
DLPELLCQGIESKDAFIADNFIMATGKYLLHDSPKAFETTKAIFTSLAKLIPPGNPGDSRRLSLVLVRTMARKQPDMVRP
HLSLLAPPIFSSVRDMVIPVKLAAEAAFVQLFAVADEESKVFDKWITAATDLAPNVKRSMQDYFKRVTLRLGAQARERRE
AEGGAGTLGLSADEVEDEKELMAVGKPRVSWNRNPEKLKKPRAQSEVDPGPVPLKTVARARQKSFKMVNLRTQKRLAASV
LGCGEGKVWLDPNEVSEISNANSRQSIRKLVADGLIIKKPVTMHSRSRARELNLARRIGRHRGFGKRKGTADARMPQQVL
WMRRQRVLRRLLVKYRASGKIDKHLYHELYHLAKGNTFKHKRALVEHIHRAKAEKARERQIKEEMDAKRARTKAARERKQ
ERQAAKRNALLGEEEESK
;
LR
2 'polypeptide(L)'
;MAPKDVKKGGASKAAKGAQAKKAAQAALKGVHSHKKTKVRKSTTFHRPKTLVLSRAPKYPRKSIPHEPRLDEHKIIIHPL
NTEGALKKIEEQNTLVFIVDVKANKAQIKQALKKLYDIDTVKINTLIRPDGTKKAFARLTPDVDALDIAATKLGLV
;
LX
3 'polypeptide(L)'
;MKVRPTVSSSRRKARKAHFSAPSSVRRVIMSAPLSKELREKYNVRSIPIRKGDEVQIVRGAHKDKEGKVTSVYRLKYVIH
VERVTREKATGQTVPIGIHPSNVVITKLHLDKDRENILARIKAGREQVAKAKGKKTAA
;
LY
4 'polypeptide(L)'
;MSSNGKVKAGQLWSKNKEELTKILGELKTELSQLRIQKISSSGAKLNKIHDLRKSIARVLTVINAKQRAQLRLFYKNKKY
LPLDLRPKLTRALRRRLSKEDASRVLEKTKKRLTHFPQRKYAVKAATYSEGPALSIYHSHQREARCSLVQCCTFEPELRE
SLLLLPVAASLKGPNFTRRERQHRNPSEATMSAAEPLKLLASAGKGKSTRSVLRVAILVLIAGAAVASRLFSVIRFESII
HEFDPWFNFRATKYLVANGFYKFWDWFDDRTWHPLGRVTGGTLYPGLMVTSGVIYHLLRFLTVPVDIRNICVLLAPGFSG
LTAIAAYLLTNEMTTSPSAGLLAAAFMGIAPGYISRSVAGSYDNEAIAIFLLVFTFFLWIKALKQGSMLWGALCALFYGY
MVASWGGYAFITCLLPLHSFVLICMGRYSTRLYVAYTTWYALGTLASMQIPFVGFLPVKTSEHMPALGIFGFLQLLAFLD
YVRSTISSRQFQTFLWLFAGGIFGLGLLGLVIATSAGLIAPWSGRFYSLWDTGYAKIHIPIIASVSEHQPTAWPAFFFDL
NMLVWLFPVGVYLCFQQLGDEHVFIIVYALFGSYFAGVMVRLMLTLTPVVCVAAAIAFSSLLDTYLNLKTPNPGQAQATE
DAGKKKSGLKAASKPAVGVYALWGKTMMISGLTIYLLLFVLHCTWVTSNAYSSPSVVLASRLPDGSQHIIDDYREAYQWL
RQNTREDAKIMSWWDYGYQIGGMADRPTLVDNNTWNNTHIATVGKAMASREEVSYPIMRQHEVDYVLVVFGGLLGYSGDD
INKFLWMVRIAEGIWPDEVSERAFFTPRGEYRVDAEATDTMKNSLMYKMCYYNYNNLFPPGQAVDRMRGVRLPEVGPTLN
TLEEAFTSENWIIRIYKVKDLDNLGRDHASAAAFERGHKKKKATKKRGPRVLRVE
;
Lh
5 'polypeptide(L)'
;MPQEVSDIKKFIEICRRKDASSKILTIAFPPPLTAARIKKNPKTQQIKFKVRCQRFLYTLVLKDSDKAEKLKQSLPPNLQ
IKDVPKRNKRKSSA
;
Lk
6 'polyribonucleotide'
;AGGUUGACCUCGGAUCAGGUAGGAGGACCCGCUGAACUUAAGCAUAUCAAUAAGCGGAGGAAAAGAAACCAACAGGGAUU
GCCCUAGUAACGGCGAGUGAAGCGGCAACAGCUCAAAUUUGAAAGCUGGCUUCGGCCCGCGUUGUAAUUUGGAGAGGAUG
CUUUGGGCGAGGCUCCUUCUGAGUUCCCUGGAACGGGACGCCACAGAGGGUGAGAGCCCCGUAUAGUUGGAAGCCAAGCC
UGUGUAAAGCUCCUUCGACGAGUCGAGUAGUUUGGGAAUGCUGCUCAAAAUGGGAGGUAAAUUUCUUCUAAAGCUAAAUA
CCGGCCAGAGACCGAUAGCGCACAAGUAGAGUGAUCGAAAGAUGAAAAGCACUUUGAAAAGAGGGUUAAAUAGCACGUGA
AAUUGUUGAAAGGGAAGCGCUUGUGACCAGACUUGCGCCCGGCGGAUCAUCCGGUGUUCUCACCGGUGCACUCCGCCGGG
CUCAGGCCAGCAUCGGUUCUGGCGGGGGGAUAAAGGCCCAGGGAAUGUGGCUCCUCCGGGAGUGUUAUAGCCCUGGGUGU
AAUACCCUCGCCGGGACCGAGGACCGCGCUCUGCAAGGAUGCUGGCGUAAUGGUCACCAGCGACCCGUCUUGAAACACGG
ACCAAGGAGUCAAGGUUUUGCGCGAGUGUUUGGGUGUAAAACCCGCACGCGUAAUGAAAGUGAACGUAGGUGAGAGCUUC
GGCGCAUCAUCGACCGAUCCUGAUGUAUUCGGAUGGAUUUGAGUAGGAGCGUUAAGCCUUGGACCCGAAAGAUGGUGAAC
UAUGCUUGGAUAGGGUGAAGCCAGAGGAAACUCUGGUGGAGGCUCGCAGCGGUUCUGACGUGCAAAUCGAUCGUCAAAUC
UGAGCAUGGGGGCGAAAGACUAAUCGAACCAUCUAGUAGCUGGUUACCGCCGAAGUUUCCCUCAGGAUAGCAGUGUCGAC
CUUCAGUUUUAUGAGGUAAAGCGAAUGAUUAGGGACUCGGGGGCGAUUUUUAGCCUUCAUCCAUUCUCAAACUUUAAAUA
UGUAAGAAGCCCUUGUUACUUAACUGAACGUGGGCAUUCGAAUGUAUCGACACUAGUGGGCCAUUUUUGGUAAGCAGAAC
UGGCGAUGCGGGAUGAACCGAACGCGGGGUUAAGGUGCCGGAGUGGACGCUCAUCAGACACCACAAAAGGCGUUAGUACA
UCUUGACAGCAGGACGGUGGCCAUGGAAGUCGGAAUCCGCUAAGGACUGUGUAACAACUCACCUGCCGAAUGUACUAGCC
CUGAAAAUGGAUGGCGCUCAAGCGUCCCACCCAUACCCCGCCCUCAGGGUAGAAACGAUGCCCUGAGGAGUAGGCGGCCG
UGGAGGUCAGUGACGAAGCCUAGGGCGUGAGCCCGGGUCGAACGGCCUCUAGUGCAGAUCUUGGUGGUAGUAGCAAAUAC
UUCAAUGAGAACUUGAAGGACCGAAGUGGGGAAAGGUUCCAUGUGAACAGCGGUUGGACAUGGGUUAGUCGAUCCUAAGC
CAUAGGGAAGUUCCGUUUCAAAGGGGCACUCGUGCCCCGUGUGGCGAAAGGGAAGCCGGUUAAUAUUCCGGCACCUGGAU
GUGGGUUUUGCGCGGCAACGCAACUGAACGCGGAGACGACGGCGGGGGCCCCGGGCAGAGUUCUCUUUUCUUCUUAACGG
UCUAUCACCCUGGAAACAGUUUGUCUGGAGAUAGGGUUUAAUGGCCGGAAGAGCCCGACACUUCUGUCGGGUCCGGUGCG
CUCUCGACGUCCCUUGAAAAUCCGCGGGAGGGAAUAAUUCUCACGCCAGGUCGUACUCAUAACCGCAGCAGGUCCCCAAG
GUGAACAGCCUCUGGUUGAUAGAACAAUGUAGAUAAGGGAAGUCGGCAAAAUAGAUCCGUAACUUCGGGAAAAGGAUUGG
CUCUAAGGGUUGGGCACGUUGGGCUUUGGGCGGACGCCCUGGGAGCAGAGGGCCUCUAGCCGGGCAACCGGCCGGCGGCC
CUCAGCACCCGGGGUUGAAGCCCUUAGCAGGCUUCGGCCGUCCGGCGUGCGGUUAACAACCAACUUAGAACUGGUACGGA
CAGGGGGAAUCUGACUGUCUAAUUAAAACAUAGCAUUGCGAUGGCCAGAAAGUGGUGUUGACGCAAUGUGAUUUCUGCCC
AGUGCUCUGAAUGUCAAAGUGAAGAAAUUCAACCAAGCGCGGGUAAACGGCGGGAGUAACUAUGACUCUCUUAAGGUAGC
CAAAUGCCUCGUCAUCUAAUUAGUGACGCGCAUGAAUGGAUUAACGAGAUUCCCACUGUCCCUAUCUACUAUCUAGCGAA
ACCACAGCCAAGGGAACGGGCUUGGCAAAAUCAGCGGGGAAAGAAGACCCUGUUGAGCUUGACUCUAGUUUGACAUUGUG
AAAAGACAUAGGAGGUGUAGAAUAGGUGGGAGCUUCGGCGCCAGUGAAAUACCACUACUCCUAUUGUUUUUUUACUUAUU
CAAUGAAGCGGGGCUGGACUUGCGUCCAACUUCUGGAGUUAAGGUCCUUCGCGGGCCGACCCGGGUUGAAGACAUUGUCA
GGUGGGGAGUUUGGCUGGGGCGGCACAUCUGUUAAACCAUAACGCAGGUGUCCUAAGGGGGGCUCAUGGAGAACAGAAAU
CUCCAGUAGAACAAAAGGGUAAAAGUCCCCUUGAUUUUGAUUUUCAGUGUGAAUACAAACCAUGAAAGUGUGGCCUAUCG
AUCCUUUAGUCCCUCGAAAUUUGAGGCUAGAGGUGCCAGAAAAGUUACCACAGGGAUAACUGGCUUGUGGCGGCCAAGCG
UUCAUAGCGACGUCGCUUUUUGAUCCUUCGAUGUCGGCUCUUCCUAUCAUACCGAAGCAGAAUUCGGUAAGCGUUGGAUU
GUUCACCCACUAAUAGGGAACGUGAGCUGGGUUUAGACCGUCGUGAGACAGGUUAGUUUUACCCUACUGAUGAACUCGUC
GCAAUGGUAAUUCAGCUUAGUACGAGAGGAACCGCUGAUUCAGAUAAUUGGUUUUUGCGGUUGUCCGACCGGGCAGUGCC
GCGAAGCUACCAUCUGCUGGAUAAUGGCUGAACGCCUCUAAGUCAGAAUCCAUGCCAGAACGCGACGAUACUACCCGCAC
GUUGUAGACGUAUAAGAAUAGGCUCCGGCCUCGUAUCCUAGCAGGCGAUUCCUCCGCCGGCCUCGAAGUGGCCGUCGGUA
AUUCGCGUAUUGCAAUUUAGACACGCGCGGGAUCAAAUCCUUUGCAGACGACUUAGAUGUGCGAAAGGGUCCUGUAAGCA
GUAGAGUAGCCUUGUUGUUACGAUCUGCUGAGGGUAAGCCCUCCUUCGCCUAGAUUU
;
1
7 'polyribonucleotide'
;AAACUUUCAACAACGGAUCUCUUGGUUCUGGCAUCGAUGAAGAACGCAGCGAAAUGCGAUAAGUAAUGUGAAUUGCAGAA
UUCCGUGAAUCAUCGAAUCUUUGAACGCACAUUGCGCCCGCCGGUAUUCCGGCGGGCAUGCCUGUUCGAGCGUCAU
;
2
8 'polypeptide(L)'
;MAAQVPTEELSKLSVQDAAAVKPGADAPEPANGKENESDDEEDEAEEAAAAPESGAGGAKKKKKKKNKKKKKKPTQQSDP
PRVLISHLFPDGKYPAGEEVEYVNENRYRTTSEEKRYLDNMQSEFLNDYRQAAEVHRQVRKWAQGFVKPGKSLIEISEGI
EDSVRALVGHPGLEEGDALKAGMGFPVGLSINHCAAHYNPNSGNKIVLQQDDVIKIDIGVHVNGRIVDSAFTMAWNDQFN
PLLEAVRAATNAGIREAGIDARVGEIGGVIQEVMESYEVEINGKTYPVKPIRNLNGHNILPYSIHGTKSVPIVKTHDQTK
MEEGDVFAIETFGSTGKGYVIESGEVSHYALRGDAPKVDLRLSSAKSLLNVIKRHFGTLPFCRRFLDRLGQEKYLLGLNN
LVSNGIVEDYPPLVDEKGSYTAQFEHTILIRPTVKEVISRGDDY
;
A
#
# COMPACT_ATOMS: atom_id res chain seq x y z
N VAL A 2708 -16.24 -26.43 6.78
CA VAL A 2708 -14.89 -26.07 7.23
C VAL A 2708 -13.86 -26.90 6.48
N ASN A 2709 -12.85 -26.22 5.93
CA ASN A 2709 -11.77 -26.87 5.20
C ASN A 2709 -10.50 -26.78 6.04
N LEU A 2710 -10.04 -27.92 6.54
CA LEU A 2710 -8.87 -27.97 7.41
C LEU A 2710 -7.68 -28.65 6.74
N ARG A 2711 -7.71 -28.77 5.41
CA ARG A 2711 -6.60 -29.42 4.72
C ARG A 2711 -5.30 -28.66 4.92
N THR A 2712 -5.36 -27.33 4.89
CA THR A 2712 -4.18 -26.53 5.17
C THR A 2712 -3.71 -26.72 6.60
N GLN A 2713 -4.65 -26.81 7.54
CA GLN A 2713 -4.28 -26.99 8.94
C GLN A 2713 -3.59 -28.33 9.17
N LYS A 2714 -4.09 -29.39 8.52
CA LYS A 2714 -3.46 -30.69 8.68
C LYS A 2714 -2.04 -30.70 8.12
N ARG A 2715 -1.84 -30.08 6.97
CA ARG A 2715 -0.49 -29.99 6.40
C ARG A 2715 0.42 -29.18 7.30
N LEU A 2716 -0.06 -28.04 7.81
CA LEU A 2716 0.76 -27.20 8.69
C LEU A 2716 1.08 -27.91 9.99
N ALA A 2717 0.12 -28.64 10.55
CA ALA A 2717 0.35 -29.35 11.80
C ALA A 2717 1.44 -30.40 11.65
N ALA A 2718 1.42 -31.14 10.54
CA ALA A 2718 2.42 -32.18 10.34
C ALA A 2718 3.81 -31.60 10.22
N SER A 2719 3.96 -30.46 9.56
CA SER A 2719 5.27 -29.84 9.43
C SER A 2719 5.79 -29.35 10.78
N VAL A 2720 4.93 -28.69 11.56
CA VAL A 2720 5.37 -28.17 12.86
C VAL A 2720 5.62 -29.33 13.83
N LEU A 2721 4.72 -30.32 13.83
CA LEU A 2721 4.86 -31.45 14.75
C LEU A 2721 6.02 -32.37 14.37
N GLY A 2722 6.62 -32.20 13.20
CA GLY A 2722 7.70 -33.09 12.78
C GLY A 2722 7.26 -34.52 12.59
N CYS A 2723 6.09 -34.72 11.99
CA CYS A 2723 5.55 -36.05 11.75
C CYS A 2723 4.85 -36.05 10.41
N GLY A 2724 4.27 -37.19 10.06
CA GLY A 2724 3.51 -37.30 8.84
C GLY A 2724 2.12 -36.71 9.00
N GLU A 2725 1.43 -36.59 7.86
CA GLU A 2725 0.08 -36.06 7.87
C GLU A 2725 -0.94 -37.06 8.39
N GLY A 2726 -0.62 -38.35 8.36
CA GLY A 2726 -1.51 -39.37 8.87
C GLY A 2726 -1.48 -39.56 10.36
N LYS A 2727 -0.60 -38.83 11.06
CA LYS A 2727 -0.50 -38.91 12.50
C LYS A 2727 -1.10 -37.71 13.21
N VAL A 2728 -1.48 -36.67 12.48
CA VAL A 2728 -2.03 -35.45 13.08
C VAL A 2728 -3.47 -35.70 13.50
N TRP A 2729 -3.78 -35.35 14.75
CA TRP A 2729 -5.14 -35.43 15.27
C TRP A 2729 -5.63 -34.02 15.56
N LEU A 2730 -6.75 -33.65 14.97
CA LEU A 2730 -7.38 -32.35 15.19
C LEU A 2730 -8.67 -32.57 15.94
N ASP A 2731 -8.89 -31.79 16.99
CA ASP A 2731 -10.06 -32.00 17.84
C ASP A 2731 -11.33 -31.79 17.04
N PRO A 2732 -12.22 -32.79 16.96
CA PRO A 2732 -13.47 -32.59 16.21
C PRO A 2732 -14.36 -31.51 16.81
N ASN A 2733 -14.31 -31.34 18.13
CA ASN A 2733 -15.21 -30.42 18.83
C ASN A 2733 -14.72 -28.98 18.83
N GLU A 2734 -13.57 -28.72 18.22
CA GLU A 2734 -13.04 -27.36 18.09
C GLU A 2734 -12.57 -27.09 16.67
N VAL A 2735 -13.36 -27.53 15.69
CA VAL A 2735 -13.00 -27.27 14.29
C VAL A 2735 -13.07 -25.78 13.98
N SER A 2736 -13.83 -25.01 14.76
CA SER A 2736 -13.92 -23.57 14.51
C SER A 2736 -12.60 -22.87 14.83
N GLU A 2737 -12.00 -23.17 16.00
CA GLU A 2737 -10.74 -22.52 16.34
C GLU A 2737 -9.61 -23.02 15.46
N ILE A 2738 -9.64 -24.28 15.07
CA ILE A 2738 -8.65 -24.77 14.13
C ILE A 2738 -8.85 -24.14 12.76
N SER A 2739 -10.10 -23.80 12.42
CA SER A 2739 -10.40 -23.30 11.09
C SER A 2739 -9.64 -22.01 10.77
N ASN A 2740 -9.55 -21.11 11.74
CA ASN A 2740 -8.88 -19.84 11.54
C ASN A 2740 -7.44 -19.84 12.03
N ALA A 2741 -6.81 -21.01 12.12
CA ALA A 2741 -5.41 -21.05 12.52
C ALA A 2741 -4.52 -20.45 11.43
N ASN A 2742 -4.62 -20.97 10.21
CA ASN A 2742 -4.05 -20.43 8.98
C ASN A 2742 -2.65 -19.83 9.14
N SER A 2743 -1.84 -20.41 10.01
CA SER A 2743 -0.47 -19.97 10.22
C SER A 2743 0.22 -21.03 11.06
N ARG A 2744 1.56 -21.03 10.99
CA ARG A 2744 2.32 -21.99 11.78
C ARG A 2744 2.28 -21.65 13.26
N GLN A 2745 2.31 -20.36 13.60
CA GLN A 2745 2.26 -19.95 14.99
C GLN A 2745 0.94 -20.38 15.64
N SER A 2746 -0.18 -20.13 14.97
CA SER A 2746 -1.47 -20.52 15.53
C SER A 2746 -1.62 -22.03 15.62
N ILE A 2747 -1.14 -22.75 14.61
CA ILE A 2747 -1.12 -24.21 14.70
C ILE A 2747 -0.24 -24.64 15.86
N ARG A 2748 0.90 -23.97 16.03
CA ARG A 2748 1.78 -24.27 17.16
C ARG A 2748 1.10 -23.96 18.48
N LYS A 2749 0.30 -22.90 18.52
CA LYS A 2749 -0.43 -22.56 19.75
C LYS A 2749 -1.47 -23.62 20.07
N LEU A 2750 -2.17 -24.14 19.06
CA LEU A 2750 -3.15 -25.19 19.30
C LEU A 2750 -2.50 -26.50 19.71
N VAL A 2751 -1.22 -26.69 19.40
CA VAL A 2751 -0.51 -27.87 19.90
C VAL A 2751 -0.29 -27.76 21.40
N ALA A 2752 0.14 -26.58 21.86
CA ALA A 2752 0.36 -26.37 23.28
C ALA A 2752 -0.93 -26.47 24.07
N ASP A 2753 -2.03 -25.96 23.52
CA ASP A 2753 -3.33 -26.01 24.15
C ASP A 2753 -3.99 -27.39 24.07
N GLY A 2754 -3.30 -28.38 23.52
CA GLY A 2754 -3.85 -29.71 23.42
C GLY A 2754 -4.88 -29.90 22.34
N LEU A 2755 -5.08 -28.90 21.49
CA LEU A 2755 -6.05 -29.04 20.40
C LEU A 2755 -5.48 -29.92 19.28
N ILE A 2756 -4.19 -29.80 19.01
CA ILE A 2756 -3.52 -30.58 17.99
C ILE A 2756 -2.59 -31.57 18.68
N ILE A 2757 -2.78 -32.85 18.42
CA ILE A 2757 -2.03 -33.93 19.05
C ILE A 2757 -1.51 -34.87 17.98
N LYS A 2758 -0.25 -35.29 18.12
CA LYS A 2758 0.36 -36.26 17.24
C LYS A 2758 0.02 -37.67 17.74
N LYS A 2759 -0.61 -38.46 16.89
CA LYS A 2759 -0.97 -39.81 17.28
C LYS A 2759 0.28 -40.68 17.45
N PRO A 2760 0.27 -41.62 18.39
CA PRO A 2760 1.40 -42.53 18.52
C PRO A 2760 1.47 -43.50 17.35
N VAL A 2761 2.69 -43.96 17.06
CA VAL A 2761 2.90 -44.88 15.95
C VAL A 2761 2.18 -46.20 16.22
N THR A 2762 1.80 -46.88 15.14
CA THR A 2762 1.15 -48.17 15.25
C THR A 2762 2.13 -49.20 15.81
N MET A 2763 1.63 -50.07 16.68
CA MET A 2763 2.48 -51.04 17.37
C MET A 2763 3.00 -52.08 16.40
N HIS A 2764 4.33 -52.23 16.35
CA HIS A 2764 4.97 -53.30 15.59
C HIS A 2764 6.06 -53.88 16.46
N SER A 2765 5.84 -55.09 16.95
CA SER A 2765 6.68 -55.70 17.98
C SER A 2765 7.49 -56.85 17.39
N ARG A 2766 8.76 -56.94 17.81
CA ARG A 2766 9.64 -58.03 17.45
C ARG A 2766 9.63 -59.14 18.48
N SER A 2767 8.59 -59.22 19.30
CA SER A 2767 8.55 -60.23 20.37
C SER A 2767 8.52 -61.64 19.80
N ARG A 2768 7.71 -61.88 18.77
CA ARG A 2768 7.65 -63.21 18.18
C ARG A 2768 8.95 -63.55 17.46
N ALA A 2769 9.59 -62.57 16.83
CA ALA A 2769 10.89 -62.82 16.23
C ALA A 2769 11.92 -63.18 17.29
N ARG A 2770 11.87 -62.51 18.44
CA ARG A 2770 12.77 -62.85 19.54
C ARG A 2770 12.50 -64.25 20.05
N GLU A 2771 11.22 -64.64 20.16
CA GLU A 2771 10.88 -65.97 20.65
C GLU A 2771 11.38 -67.05 19.71
N LEU A 2772 11.24 -66.84 18.40
CA LEU A 2772 11.72 -67.83 17.44
C LEU A 2772 13.24 -67.93 17.46
N ASN A 2773 13.93 -66.80 17.60
CA ASN A 2773 15.39 -66.82 17.66
C ASN A 2773 15.88 -67.59 18.87
N LEU A 2774 15.22 -67.42 20.02
CA LEU A 2774 15.60 -68.16 21.22
C LEU A 2774 15.37 -69.66 21.03
N ALA A 2775 14.28 -70.03 20.37
CA ALA A 2775 14.01 -71.45 20.13
C ALA A 2775 15.04 -72.07 19.18
N ARG A 2776 15.58 -71.27 18.25
CA ARG A 2776 16.62 -71.79 17.38
C ARG A 2776 17.94 -71.98 18.12
N ARG A 2777 18.23 -71.13 19.11
CA ARG A 2777 19.48 -71.29 19.85
C ARG A 2777 19.53 -72.62 20.57
N ILE A 2778 18.38 -73.18 20.93
CA ILE A 2778 18.32 -74.47 21.59
C ILE A 2778 17.94 -75.58 20.63
N GLY A 2779 17.71 -75.26 19.36
CA GLY A 2779 17.50 -76.27 18.34
C GLY A 2779 16.06 -76.73 18.15
N ARG A 2780 15.10 -75.80 18.20
CA ARG A 2780 13.70 -76.18 18.09
C ARG A 2780 13.14 -76.06 16.67
N HIS A 2781 13.66 -75.14 15.87
CA HIS A 2781 13.15 -74.87 14.52
C HIS A 2781 14.28 -74.96 13.51
N ARG A 2782 15.07 -76.03 13.61
CA ARG A 2782 16.24 -76.23 12.78
C ARG A 2782 16.15 -77.51 11.95
N GLY A 2783 14.96 -78.06 11.79
CA GLY A 2783 14.82 -79.33 11.10
C GLY A 2783 15.05 -79.21 9.61
N PHE A 2784 15.06 -80.37 8.95
CA PHE A 2784 15.29 -80.40 7.51
C PHE A 2784 14.18 -79.68 6.75
N GLY A 2785 12.94 -79.84 7.21
CA GLY A 2785 11.82 -79.16 6.57
C GLY A 2785 11.79 -77.67 6.78
N LYS A 2786 12.67 -77.15 7.65
CA LYS A 2786 12.75 -75.72 7.92
C LYS A 2786 13.88 -75.04 7.16
N ARG A 2787 14.62 -75.77 6.34
CA ARG A 2787 15.71 -75.22 5.53
C ARG A 2787 15.26 -75.14 4.09
N LYS A 2788 15.51 -74.00 3.44
CA LYS A 2788 15.09 -73.80 2.08
C LYS A 2788 16.25 -73.59 1.12
N GLY A 2789 17.45 -73.31 1.62
CA GLY A 2789 18.61 -73.12 0.78
C GLY A 2789 19.61 -74.25 0.93
N THR A 2790 20.66 -74.16 0.11
CA THR A 2790 21.73 -75.14 0.18
C THR A 2790 22.57 -74.91 1.43
N ALA A 2791 23.26 -75.99 1.85
CA ALA A 2791 24.09 -75.90 3.05
C ALA A 2791 25.14 -74.82 2.92
N ASP A 2792 25.70 -74.63 1.73
CA ASP A 2792 26.67 -73.55 1.53
C ASP A 2792 26.03 -72.19 1.67
N ALA A 2793 24.82 -72.00 1.14
CA ALA A 2793 24.12 -70.75 1.35
C ALA A 2793 23.81 -70.54 2.83
N ARG A 2794 23.38 -71.60 3.51
CA ARG A 2794 23.09 -71.52 4.93
C ARG A 2794 24.37 -71.35 5.75
N MET A 2795 25.39 -72.14 5.46
CA MET A 2795 26.69 -72.04 6.12
C MET A 2795 27.78 -72.38 5.10
N PRO A 2796 28.44 -71.37 4.54
CA PRO A 2796 29.45 -71.63 3.50
C PRO A 2796 30.61 -72.46 4.01
N GLN A 2797 31.13 -73.34 3.15
CA GLN A 2797 32.37 -74.03 3.46
C GLN A 2797 33.55 -73.08 3.45
N GLN A 2798 33.51 -72.05 2.61
CA GLN A 2798 34.62 -71.12 2.53
C GLN A 2798 34.80 -70.35 3.83
N VAL A 2799 33.70 -70.01 4.50
CA VAL A 2799 33.82 -69.33 5.78
C VAL A 2799 34.12 -70.33 6.88
N LEU A 2800 33.67 -71.58 6.74
CA LEU A 2800 34.06 -72.61 7.70
C LEU A 2800 35.56 -72.88 7.61
N TRP A 2801 36.08 -72.99 6.39
CA TRP A 2801 37.52 -73.18 6.22
C TRP A 2801 38.30 -71.97 6.72
N MET A 2802 37.81 -70.77 6.43
CA MET A 2802 38.50 -69.57 6.86
C MET A 2802 38.47 -69.42 8.38
N ARG A 2803 37.38 -69.83 9.01
CA ARG A 2803 37.33 -69.83 10.47
C ARG A 2803 38.34 -70.80 11.05
N ARG A 2804 38.36 -72.03 10.54
CA ARG A 2804 39.26 -73.05 11.07
C ARG A 2804 40.72 -72.69 10.86
N GLN A 2805 41.05 -72.12 9.70
CA GLN A 2805 42.45 -71.76 9.43
C GLN A 2805 42.95 -70.72 10.41
N ARG A 2806 42.13 -69.70 10.69
CA ARG A 2806 42.55 -68.66 11.62
C ARG A 2806 42.61 -69.20 13.05
N VAL A 2807 41.71 -70.10 13.40
CA VAL A 2807 41.75 -70.69 14.73
C VAL A 2807 43.03 -71.51 14.91
N LEU A 2808 43.34 -72.34 13.93
CA LEU A 2808 44.55 -73.15 14.01
C LEU A 2808 45.80 -72.29 13.99
N ARG A 2809 45.84 -71.26 13.15
CA ARG A 2809 47.02 -70.41 13.08
C ARG A 2809 47.19 -69.60 14.36
N ARG A 2810 46.09 -69.12 14.93
CA ARG A 2810 46.18 -68.38 16.19
C ARG A 2810 46.68 -69.27 17.32
N LEU A 2811 46.23 -70.52 17.36
CA LEU A 2811 46.71 -71.45 18.37
C LEU A 2811 48.20 -71.70 18.23
N LEU A 2812 48.67 -71.88 16.99
CA LEU A 2812 50.09 -72.15 16.77
C LEU A 2812 50.95 -70.96 17.13
N VAL A 2813 50.44 -69.74 16.96
CA VAL A 2813 51.24 -68.55 17.23
C VAL A 2813 51.56 -68.42 18.71
N LYS A 2814 50.56 -68.60 19.57
CA LYS A 2814 50.82 -68.42 20.99
C LYS A 2814 51.63 -69.56 21.57
N TYR A 2815 51.53 -70.76 20.98
CA TYR A 2815 52.36 -71.86 21.42
C TYR A 2815 53.83 -71.57 21.14
N ARG A 2816 54.13 -70.99 19.98
CA ARG A 2816 55.51 -70.64 19.68
C ARG A 2816 56.02 -69.53 20.59
N ALA A 2817 55.19 -68.54 20.88
CA ALA A 2817 55.61 -67.45 21.75
C ALA A 2817 55.80 -67.93 23.19
N SER A 2818 54.92 -68.79 23.67
CA SER A 2818 55.01 -69.30 25.03
C SER A 2818 56.10 -70.35 25.20
N GLY A 2819 56.72 -70.80 24.11
CA GLY A 2819 57.76 -71.80 24.18
C GLY A 2819 57.26 -73.23 24.22
N LYS A 2820 55.95 -73.46 24.10
CA LYS A 2820 55.46 -74.83 24.12
C LYS A 2820 55.96 -75.61 22.91
N ILE A 2821 56.19 -74.94 21.78
CA ILE A 2821 56.78 -75.56 20.61
C ILE A 2821 57.85 -74.63 20.06
N ASP A 2822 58.81 -75.20 19.35
CA ASP A 2822 59.84 -74.43 18.69
C ASP A 2822 59.40 -74.10 17.25
N LYS A 2823 60.25 -73.38 16.51
CA LYS A 2823 59.88 -72.98 15.17
C LYS A 2823 59.80 -74.16 14.21
N HIS A 2824 60.66 -75.16 14.40
CA HIS A 2824 60.64 -76.31 13.50
C HIS A 2824 59.34 -77.10 13.63
N LEU A 2825 58.86 -77.31 14.86
CA LEU A 2825 57.57 -77.96 15.03
C LEU A 2825 56.44 -77.02 14.61
N TYR A 2826 56.59 -75.72 14.85
CA TYR A 2826 55.57 -74.76 14.43
C TYR A 2826 55.43 -74.74 12.91
N HIS A 2827 56.55 -74.73 12.19
CA HIS A 2827 56.51 -74.69 10.73
C HIS A 2827 55.91 -75.97 10.18
N GLU A 2828 56.27 -77.12 10.74
CA GLU A 2828 55.73 -78.39 10.28
C GLU A 2828 54.22 -78.46 10.53
N LEU A 2829 53.77 -77.96 11.68
CA LEU A 2829 52.34 -77.97 11.98
C LEU A 2829 51.57 -76.94 11.16
N TYR A 2830 52.22 -75.83 10.80
CA TYR A 2830 51.56 -74.80 10.01
C TYR A 2830 51.15 -75.32 8.65
N HIS A 2831 52.04 -76.06 7.99
CA HIS A 2831 51.71 -76.63 6.68
C HIS A 2831 50.81 -77.85 6.83
N LEU A 2832 50.93 -78.57 7.94
CA LEU A 2832 50.00 -79.67 8.19
C LEU A 2832 48.58 -79.15 8.34
N ALA A 2833 48.42 -78.02 9.05
CA ALA A 2833 47.11 -77.41 9.17
C ALA A 2833 46.60 -76.91 7.83
N LYS A 2834 47.47 -76.31 7.03
CA LYS A 2834 47.09 -75.85 5.70
C LYS A 2834 46.70 -76.99 4.79
N GLY A 2835 47.16 -78.20 5.07
CA GLY A 2835 46.89 -79.37 4.28
C GLY A 2835 45.68 -80.18 4.71
N ASN A 2836 44.82 -79.60 5.56
CA ASN A 2836 43.61 -80.27 6.04
C ASN A 2836 43.95 -81.54 6.80
N THR A 2837 44.82 -81.41 7.81
CA THR A 2837 45.18 -82.55 8.65
C THR A 2837 44.38 -82.59 9.94
N PHE A 2838 44.04 -81.44 10.50
CA PHE A 2838 43.35 -81.36 11.77
C PHE A 2838 41.94 -80.84 11.54
N LYS A 2839 40.95 -81.60 12.00
CA LYS A 2839 39.55 -81.20 11.83
C LYS A 2839 39.25 -79.92 12.59
N HIS A 2840 39.79 -79.79 13.80
CA HIS A 2840 39.44 -78.69 14.68
C HIS A 2840 40.55 -78.50 15.71
N LYS A 2841 40.31 -77.59 16.66
CA LYS A 2841 41.33 -77.20 17.62
C LYS A 2841 41.76 -78.38 18.48
N ARG A 2842 40.81 -79.20 18.93
CA ARG A 2842 41.14 -80.31 19.81
C ARG A 2842 42.08 -81.28 19.11
N ALA A 2843 41.85 -81.53 17.82
CA ALA A 2843 42.72 -82.43 17.07
C ALA A 2843 44.14 -81.91 17.04
N LEU A 2844 44.31 -80.59 16.84
CA LEU A 2844 45.65 -80.02 16.75
C LEU A 2844 46.41 -80.18 18.07
N VAL A 2845 45.76 -79.88 19.19
CA VAL A 2845 46.46 -80.00 20.47
C VAL A 2845 46.74 -81.47 20.78
N GLU A 2846 45.81 -82.36 20.44
CA GLU A 2846 46.04 -83.78 20.68
C GLU A 2846 47.25 -84.25 19.89
N HIS A 2847 47.38 -83.79 18.64
CA HIS A 2847 48.56 -84.11 17.85
C HIS A 2847 49.82 -83.56 18.49
N ILE A 2848 49.76 -82.31 18.97
CA ILE A 2848 50.93 -81.70 19.59
C ILE A 2848 51.36 -82.47 20.82
N HIS A 2849 50.40 -82.91 21.63
CA HIS A 2849 50.73 -83.65 22.84
C HIS A 2849 51.42 -84.97 22.49
N ARG A 2850 50.88 -85.69 21.50
CA ARG A 2850 51.50 -86.97 21.12
C ARG A 2850 52.89 -86.74 20.57
N ALA A 2851 53.06 -85.72 19.73
CA ALA A 2851 54.37 -85.45 19.14
C ALA A 2851 55.38 -85.06 20.19
N LYS A 2852 55.00 -84.20 21.14
CA LYS A 2852 55.93 -83.76 22.16
C LYS A 2852 56.34 -84.92 23.05
N ALA A 2853 55.42 -85.82 23.37
CA ALA A 2853 55.76 -86.97 24.18
C ALA A 2853 56.80 -87.84 23.47
N GLU A 2854 56.60 -88.07 22.17
CA GLU A 2854 57.57 -88.86 21.42
C GLU A 2854 58.90 -88.14 21.34
N LYS A 2855 58.88 -86.83 21.12
CA LYS A 2855 60.11 -86.04 21.13
C LYS A 2855 60.76 -86.10 22.51
N ALA A 2856 59.95 -86.05 23.56
CA ALA A 2856 60.48 -86.24 24.91
C ALA A 2856 61.02 -87.65 25.09
N ARG A 2857 60.34 -88.64 24.49
CA ARG A 2857 60.72 -90.04 24.67
C ARG A 2857 62.15 -90.31 24.19
N GLU A 2858 62.60 -89.62 23.15
CA GLU A 2858 63.95 -89.80 22.63
C GLU A 2858 64.95 -89.07 23.54
N ARG A 2859 65.15 -89.66 24.72
CA ARG A 2859 66.15 -89.22 25.68
C ARG A 2859 67.51 -89.85 25.42
N GLN A 2860 67.63 -90.72 24.43
CA GLN A 2860 68.89 -91.40 24.16
C GLN A 2860 69.62 -90.70 23.03
N LYS B 36 78.75 -9.87 -44.13
CA LYS B 36 78.42 -8.45 -44.15
C LYS B 36 77.07 -8.20 -43.50
N THR B 37 76.44 -9.28 -43.03
CA THR B 37 75.13 -9.21 -42.41
C THR B 37 75.19 -9.79 -41.00
N LYS B 38 74.29 -9.32 -40.15
CA LYS B 38 74.28 -9.73 -38.75
C LYS B 38 74.03 -11.23 -38.62
N VAL B 39 74.66 -11.83 -37.61
CA VAL B 39 74.51 -13.26 -37.37
C VAL B 39 73.12 -13.55 -36.82
N ARG B 40 72.67 -14.79 -37.04
CA ARG B 40 71.38 -15.24 -36.56
C ARG B 40 71.55 -16.58 -35.85
N LYS B 41 71.27 -16.61 -34.55
CA LYS B 41 71.46 -17.81 -33.75
C LYS B 41 70.36 -18.84 -33.97
N SER B 42 69.28 -18.49 -34.65
CA SER B 42 68.17 -19.40 -34.87
C SER B 42 67.81 -19.41 -36.34
N THR B 43 67.28 -20.54 -36.79
CA THR B 43 66.89 -20.69 -38.19
C THR B 43 65.48 -20.17 -38.45
N THR B 44 64.80 -19.65 -37.43
CA THR B 44 63.44 -19.16 -37.56
C THR B 44 63.46 -17.64 -37.69
N PHE B 45 62.86 -17.14 -38.75
CA PHE B 45 62.72 -15.70 -38.98
C PHE B 45 61.47 -15.21 -38.28
N HIS B 46 61.59 -14.11 -37.55
CA HIS B 46 60.48 -13.55 -36.80
C HIS B 46 60.21 -12.13 -37.27
N ARG B 47 58.94 -11.75 -37.26
CA ARG B 47 58.54 -10.44 -37.76
C ARG B 47 59.15 -9.35 -36.89
N PRO B 48 59.82 -8.36 -37.48
CA PRO B 48 60.43 -7.30 -36.69
C PRO B 48 59.40 -6.46 -35.96
N LYS B 49 59.82 -5.89 -34.84
CA LYS B 49 58.94 -5.06 -34.04
C LYS B 49 58.90 -3.66 -34.62
N THR B 50 57.69 -3.17 -34.90
CA THR B 50 57.46 -1.82 -35.36
C THR B 50 56.46 -1.14 -34.43
N LEU B 51 56.65 0.16 -34.23
CA LEU B 51 55.83 0.88 -33.26
C LEU B 51 54.38 0.98 -33.74
N VAL B 52 53.48 1.04 -32.76
CA VAL B 52 52.05 1.23 -33.00
C VAL B 52 51.67 2.61 -32.50
N LEU B 53 51.29 3.49 -33.43
CA LEU B 53 50.84 4.82 -33.03
C LEU B 53 49.44 4.75 -32.44
N SER B 54 49.21 5.51 -31.38
CA SER B 54 47.87 5.58 -30.80
C SER B 54 46.95 6.36 -31.72
N ARG B 55 45.65 6.06 -31.63
CA ARG B 55 44.69 6.74 -32.48
C ARG B 55 44.61 8.22 -32.12
N ALA B 56 44.71 9.07 -33.15
CA ALA B 56 44.60 10.52 -33.00
C ALA B 56 43.58 11.03 -34.00
N PRO B 57 42.30 10.76 -33.78
CA PRO B 57 41.29 11.15 -34.75
C PRO B 57 41.18 12.67 -34.89
N LYS B 58 40.92 13.11 -36.11
CA LYS B 58 40.75 14.52 -36.41
C LYS B 58 39.33 15.01 -36.20
N TYR B 59 38.41 14.12 -35.79
CA TYR B 59 37.06 14.49 -35.44
C TYR B 59 36.48 13.39 -34.57
N PRO B 60 35.70 13.73 -33.53
CA PRO B 60 35.07 12.67 -32.73
C PRO B 60 33.99 11.96 -33.52
N ARG B 61 34.00 10.64 -33.48
CA ARG B 61 32.97 9.89 -34.18
C ARG B 61 31.59 10.08 -33.54
N LYS B 62 31.56 10.49 -32.27
CA LYS B 62 30.33 10.87 -31.59
C LYS B 62 30.54 12.24 -30.97
N SER B 63 29.61 13.16 -31.24
CA SER B 63 29.83 14.56 -30.89
C SER B 63 30.03 14.76 -29.39
N ILE B 64 29.14 14.19 -28.58
CA ILE B 64 29.24 14.35 -27.13
C ILE B 64 29.06 12.98 -26.46
N PRO B 65 29.78 12.70 -25.38
CA PRO B 65 29.53 11.45 -24.65
C PRO B 65 28.12 11.40 -24.09
N HIS B 66 27.60 10.18 -24.01
CA HIS B 66 26.25 9.97 -23.49
C HIS B 66 26.16 10.30 -22.01
N GLU B 67 24.97 10.73 -21.59
CA GLU B 67 24.74 10.93 -20.17
C GLU B 67 24.83 9.59 -19.44
N PRO B 68 25.26 9.59 -18.18
CA PRO B 68 25.41 8.31 -17.46
C PRO B 68 24.09 7.58 -17.39
N ARG B 69 24.00 6.45 -18.08
CA ARG B 69 22.78 5.68 -18.12
C ARG B 69 22.58 4.94 -16.81
N LEU B 70 21.31 4.70 -16.48
CA LEU B 70 20.93 3.94 -15.30
C LEU B 70 21.47 4.58 -14.02
N ASP B 71 21.03 5.81 -13.77
CA ASP B 71 21.41 6.51 -12.55
C ASP B 71 20.50 6.06 -11.41
N GLU B 72 20.59 6.73 -10.26
CA GLU B 72 19.88 6.26 -9.07
C GLU B 72 18.37 6.27 -9.25
N HIS B 73 17.83 7.23 -10.00
CA HIS B 73 16.39 7.27 -10.20
C HIS B 73 15.92 6.14 -11.10
N LYS B 74 16.73 5.76 -12.09
CA LYS B 74 16.36 4.66 -12.97
C LYS B 74 16.52 3.32 -12.26
N ILE B 75 17.47 3.22 -11.33
CA ILE B 75 17.73 1.95 -10.66
C ILE B 75 16.60 1.62 -9.70
N ILE B 76 16.37 2.48 -8.71
CA ILE B 76 15.32 2.24 -7.73
C ILE B 76 13.99 2.68 -8.32
N ILE B 77 13.02 1.77 -8.35
CA ILE B 77 11.72 2.08 -8.94
C ILE B 77 10.75 2.47 -7.83
N HIS B 78 10.47 1.54 -6.94
CA HIS B 78 9.54 1.78 -5.85
C HIS B 78 9.67 0.67 -4.81
N PRO B 79 9.54 0.97 -3.53
CA PRO B 79 9.53 -0.10 -2.52
C PRO B 79 8.31 -0.97 -2.70
N LEU B 80 8.34 -2.14 -2.08
CA LEU B 80 7.27 -3.10 -2.21
C LEU B 80 6.47 -3.13 -0.92
N ASN B 81 5.17 -2.84 -1.01
CA ASN B 81 4.28 -2.93 0.14
C ASN B 81 3.49 -4.22 0.01
N THR B 82 3.95 -5.26 0.68
CA THR B 82 3.29 -6.55 0.73
C THR B 82 3.50 -7.10 2.13
N GLU B 83 2.71 -8.13 2.49
CA GLU B 83 2.82 -8.65 3.83
C GLU B 83 4.24 -9.13 4.13
N GLY B 84 4.85 -9.83 3.17
CA GLY B 84 6.20 -10.32 3.37
C GLY B 84 7.22 -9.20 3.49
N ALA B 85 7.08 -8.19 2.62
CA ALA B 85 8.06 -7.10 2.58
C ALA B 85 8.03 -6.29 3.87
N LEU B 86 6.82 -6.01 4.38
CA LEU B 86 6.71 -5.28 5.64
C LEU B 86 7.17 -6.12 6.81
N LYS B 87 6.93 -7.44 6.77
CA LYS B 87 7.43 -8.33 7.81
C LYS B 87 8.95 -8.28 7.89
N LYS B 88 9.61 -8.17 6.74
CA LYS B 88 11.05 -8.02 6.72
C LYS B 88 11.48 -6.75 7.45
N ILE B 89 10.72 -5.66 7.29
CA ILE B 89 11.11 -4.38 7.86
C ILE B 89 11.14 -4.47 9.38
N GLU B 90 10.08 -5.02 9.96
CA GLU B 90 9.96 -5.07 11.41
C GLU B 90 10.95 -6.05 12.04
N GLU B 91 11.16 -7.21 11.41
CA GLU B 91 11.96 -8.27 12.05
C GLU B 91 13.44 -8.20 11.66
N GLN B 92 13.73 -8.43 10.38
CA GLN B 92 15.11 -8.57 9.94
C GLN B 92 15.80 -7.24 9.68
N ASN B 93 15.12 -6.11 9.89
CA ASN B 93 15.69 -4.78 9.64
C ASN B 93 16.13 -4.64 8.18
N THR B 94 15.36 -5.26 7.28
CA THR B 94 15.65 -5.21 5.85
C THR B 94 14.52 -4.48 5.15
N LEU B 95 14.87 -3.77 4.08
CA LEU B 95 13.90 -3.11 3.22
C LEU B 95 13.84 -3.84 1.87
N VAL B 96 12.64 -4.11 1.41
CA VAL B 96 12.43 -4.80 0.14
C VAL B 96 12.08 -3.74 -0.91
N PHE B 97 12.86 -3.70 -1.99
CA PHE B 97 12.71 -2.72 -3.04
C PHE B 97 12.53 -3.43 -4.38
N ILE B 98 11.92 -2.72 -5.32
CA ILE B 98 11.81 -3.18 -6.71
C ILE B 98 12.72 -2.30 -7.55
N VAL B 99 13.73 -2.91 -8.18
CA VAL B 99 14.74 -2.16 -8.90
C VAL B 99 14.74 -2.59 -10.35
N ASP B 100 15.58 -1.96 -11.17
CA ASP B 100 15.63 -2.31 -12.58
C ASP B 100 16.30 -3.66 -12.75
N VAL B 101 15.77 -4.47 -13.67
CA VAL B 101 16.23 -5.85 -13.84
C VAL B 101 17.67 -5.94 -14.31
N LYS B 102 18.20 -4.87 -14.91
CA LYS B 102 19.54 -4.89 -15.45
C LYS B 102 20.57 -4.27 -14.52
N ALA B 103 20.22 -4.03 -13.26
CA ALA B 103 21.13 -3.47 -12.29
C ALA B 103 21.68 -4.56 -11.38
N ASN B 104 22.93 -4.39 -10.97
CA ASN B 104 23.60 -5.33 -10.09
C ASN B 104 23.62 -4.79 -8.66
N LYS B 105 24.09 -5.63 -7.74
CA LYS B 105 24.07 -5.29 -6.33
C LYS B 105 24.95 -4.09 -6.01
N ALA B 106 26.04 -3.90 -6.76
CA ALA B 106 26.89 -2.74 -6.53
C ALA B 106 26.14 -1.45 -6.85
N GLN B 107 25.35 -1.45 -7.93
CA GLN B 107 24.60 -0.26 -8.29
C GLN B 107 23.44 -0.02 -7.32
N ILE B 108 22.82 -1.10 -6.84
CA ILE B 108 21.71 -0.95 -5.89
C ILE B 108 22.21 -0.35 -4.58
N LYS B 109 23.35 -0.83 -4.09
CA LYS B 109 23.90 -0.29 -2.85
C LYS B 109 24.25 1.19 -2.99
N GLN B 110 24.86 1.57 -4.11
CA GLN B 110 25.20 2.97 -4.33
C GLN B 110 23.95 3.83 -4.49
N ALA B 111 22.93 3.31 -5.17
CA ALA B 111 21.72 4.09 -5.40
C ALA B 111 21.02 4.43 -4.11
N LEU B 112 20.88 3.47 -3.19
CA LEU B 112 20.21 3.74 -1.93
C LEU B 112 20.99 4.72 -1.07
N LYS B 113 22.32 4.71 -1.16
CA LYS B 113 23.13 5.59 -0.33
C LYS B 113 23.03 7.04 -0.79
N LYS B 114 23.04 7.27 -2.11
CA LYS B 114 22.99 8.61 -2.65
C LYS B 114 21.59 9.16 -2.78
N LEU B 115 20.57 8.32 -2.63
CA LEU B 115 19.18 8.75 -2.73
C LEU B 115 18.47 8.80 -1.39
N TYR B 116 18.80 7.90 -0.46
CA TYR B 116 18.16 7.84 0.84
C TYR B 116 19.12 8.00 2.00
N ASP B 117 20.42 8.00 1.75
CA ASP B 117 21.43 8.04 2.82
C ASP B 117 21.22 6.90 3.81
N ILE B 118 20.95 5.71 3.28
CA ILE B 118 20.78 4.51 4.09
C ILE B 118 21.90 3.54 3.74
N ASP B 119 22.53 2.97 4.75
CA ASP B 119 23.60 2.01 4.56
C ASP B 119 23.05 0.60 4.61
N THR B 120 23.80 -0.33 4.03
CA THR B 120 23.38 -1.72 3.96
C THR B 120 24.57 -2.62 4.28
N VAL B 121 24.34 -3.63 5.13
CA VAL B 121 25.37 -4.61 5.38
C VAL B 121 25.48 -5.57 4.20
N LYS B 122 24.35 -5.95 3.61
CA LYS B 122 24.34 -6.83 2.45
C LYS B 122 23.03 -6.64 1.70
N ILE B 123 23.03 -7.05 0.43
CA ILE B 123 21.86 -7.00 -0.43
C ILE B 123 21.73 -8.34 -1.14
N ASN B 124 20.52 -8.90 -1.12
CA ASN B 124 20.22 -10.14 -1.82
C ASN B 124 19.13 -9.86 -2.84
N THR B 125 19.40 -10.17 -4.10
CA THR B 125 18.49 -9.85 -5.20
C THR B 125 18.00 -11.11 -5.88
N LEU B 126 16.74 -11.09 -6.29
CA LEU B 126 16.17 -12.15 -7.11
C LEU B 126 15.36 -11.50 -8.22
N ILE B 127 15.16 -12.24 -9.31
CA ILE B 127 14.37 -11.78 -10.43
C ILE B 127 13.03 -12.50 -10.38
N ARG B 128 11.96 -11.74 -10.18
CA ARG B 128 10.64 -12.29 -10.03
C ARG B 128 10.12 -12.85 -11.36
N PRO B 129 9.16 -13.77 -11.32
CA PRO B 129 8.65 -14.36 -12.56
C PRO B 129 8.09 -13.34 -13.53
N ASP B 130 7.56 -12.22 -13.05
CA ASP B 130 7.05 -11.20 -13.95
C ASP B 130 8.16 -10.54 -14.75
N GLY B 131 9.42 -10.70 -14.35
CA GLY B 131 10.54 -10.15 -15.07
C GLY B 131 11.23 -8.98 -14.41
N THR B 132 10.82 -8.58 -13.22
CA THR B 132 11.46 -7.49 -12.50
C THR B 132 12.33 -8.03 -11.37
N LYS B 133 13.15 -7.15 -10.82
CA LYS B 133 14.14 -7.50 -9.83
C LYS B 133 13.69 -7.06 -8.44
N LYS B 134 13.72 -7.98 -7.49
CA LYS B 134 13.42 -7.71 -6.09
C LYS B 134 14.71 -7.74 -5.29
N ALA B 135 14.95 -6.68 -4.52
CA ALA B 135 16.19 -6.51 -3.78
C ALA B 135 15.90 -6.37 -2.30
N PHE B 136 16.39 -7.33 -1.50
CA PHE B 136 16.31 -7.27 -0.06
C PHE B 136 17.56 -6.58 0.47
N ALA B 137 17.39 -5.44 1.13
CA ALA B 137 18.51 -4.64 1.59
C ALA B 137 18.49 -4.60 3.12
N ARG B 138 19.40 -5.35 3.74
CA ARG B 138 19.52 -5.33 5.19
C ARG B 138 20.29 -4.09 5.62
N LEU B 139 19.71 -3.31 6.53
CA LEU B 139 20.33 -2.07 6.96
C LEU B 139 21.32 -2.32 8.09
N THR B 140 22.19 -1.35 8.31
CA THR B 140 23.15 -1.44 9.40
C THR B 140 22.42 -1.42 10.74
N PRO B 141 22.95 -2.10 11.76
CA PRO B 141 22.21 -2.20 13.03
C PRO B 141 22.01 -0.86 13.73
N ASP B 142 22.83 0.15 13.43
CA ASP B 142 22.68 1.43 14.11
C ASP B 142 21.32 2.07 13.83
N VAL B 143 20.80 1.92 12.61
CA VAL B 143 19.54 2.54 12.21
C VAL B 143 18.44 1.50 12.36
N ASP B 144 17.21 2.00 12.49
CA ASP B 144 16.02 1.15 12.57
C ASP B 144 15.26 1.30 11.26
N ALA B 145 15.07 0.18 10.56
CA ALA B 145 14.47 0.25 9.24
C ALA B 145 13.05 0.78 9.30
N LEU B 146 12.31 0.42 10.36
CA LEU B 146 10.90 0.81 10.41
C LEU B 146 10.77 2.33 10.41
N ASP B 147 11.66 3.01 11.12
CA ASP B 147 11.69 4.47 11.09
C ASP B 147 12.01 4.96 9.68
N ILE B 148 12.96 4.30 9.00
CA ILE B 148 13.38 4.74 7.68
C ILE B 148 12.22 4.70 6.71
N ALA B 149 11.37 3.67 6.81
CA ALA B 149 10.20 3.60 5.96
C ALA B 149 9.29 4.82 6.16
N ALA B 150 9.11 5.24 7.40
CA ALA B 150 8.33 6.44 7.68
C ALA B 150 9.06 7.69 7.23
N THR B 151 10.34 7.83 7.61
CA THR B 151 11.06 9.06 7.31
C THR B 151 11.31 9.20 5.82
N LYS B 152 11.70 8.12 5.15
CA LYS B 152 12.01 8.13 3.73
C LYS B 152 10.77 7.92 2.88
N LEU B 153 9.59 7.95 3.49
CA LEU B 153 8.30 7.88 2.80
C LEU B 153 8.13 6.57 2.06
N GLY B 154 8.81 5.52 2.52
CA GLY B 154 8.69 4.22 1.86
C GLY B 154 7.26 3.73 1.87
N LEU B 155 6.57 3.91 3.00
CA LEU B 155 5.20 3.45 3.17
C LEU B 155 4.26 4.57 3.60
N VAL B 156 4.77 5.75 3.93
CA VAL B 156 3.92 6.90 4.25
C VAL B 156 4.16 8.01 3.23
N MET C 1 -20.66 19.38 -62.03
CA MET C 1 -19.97 18.11 -62.02
C MET C 1 -18.51 18.28 -61.62
N LYS C 2 -17.89 17.19 -61.20
CA LYS C 2 -16.48 17.22 -60.82
C LYS C 2 -15.61 17.45 -62.04
N VAL C 3 -14.60 18.32 -61.89
CA VAL C 3 -13.71 18.65 -62.99
C VAL C 3 -12.26 18.40 -62.59
N ARG C 4 -11.86 18.94 -61.44
CA ARG C 4 -10.45 18.89 -61.06
C ARG C 4 -10.01 17.44 -60.84
N PRO C 5 -8.83 17.08 -61.34
CA PRO C 5 -8.39 15.67 -61.23
C PRO C 5 -8.20 15.18 -59.81
N THR C 6 -7.81 16.06 -58.88
CA THR C 6 -7.54 15.61 -57.52
C THR C 6 -8.81 15.25 -56.76
N VAL C 7 -9.95 15.73 -57.19
CA VAL C 7 -11.22 15.43 -56.53
C VAL C 7 -11.65 14.01 -56.89
N SER C 8 -12.14 13.27 -55.90
CA SER C 8 -12.61 11.91 -56.09
C SER C 8 -14.12 11.88 -55.89
N SER C 9 -14.82 11.28 -56.84
CA SER C 9 -16.27 11.14 -56.79
C SER C 9 -16.70 9.73 -56.41
N SER C 10 -15.91 9.06 -55.58
CA SER C 10 -16.18 7.68 -55.19
C SER C 10 -16.85 7.65 -53.83
N ARG C 11 -17.94 6.90 -53.73
CA ARG C 11 -18.68 6.79 -52.48
C ARG C 11 -17.82 6.16 -51.39
N ARG C 12 -17.08 5.12 -51.73
CA ARG C 12 -16.30 4.38 -50.74
C ARG C 12 -15.21 5.26 -50.12
N LYS C 13 -14.52 6.05 -50.94
CA LYS C 13 -13.48 6.90 -50.40
C LYS C 13 -14.07 8.03 -49.56
N ALA C 14 -15.20 8.59 -49.99
CA ALA C 14 -15.83 9.67 -49.24
C ALA C 14 -16.29 9.18 -47.87
N ARG C 15 -16.87 7.99 -47.80
CA ARG C 15 -17.33 7.45 -46.54
C ARG C 15 -16.17 7.15 -45.59
N LYS C 16 -15.03 6.72 -46.14
CA LYS C 16 -13.86 6.45 -45.30
C LYS C 16 -13.28 7.73 -44.73
N ALA C 17 -13.10 8.75 -45.57
CA ALA C 17 -12.50 10.00 -45.11
C ALA C 17 -13.39 10.71 -44.10
N HIS C 18 -14.70 10.52 -44.18
CA HIS C 18 -15.60 11.18 -43.25
C HIS C 18 -15.62 10.49 -41.90
N PHE C 19 -15.77 9.16 -41.90
CA PHE C 19 -15.89 8.44 -40.64
C PHE C 19 -14.55 8.32 -39.92
N SER C 20 -13.45 8.30 -40.65
CA SER C 20 -12.13 8.19 -40.05
C SER C 20 -11.41 9.52 -39.98
N ALA C 21 -12.13 10.61 -40.13
CA ALA C 21 -11.51 11.93 -40.09
C ALA C 21 -10.93 12.20 -38.70
N PRO C 22 -9.77 12.84 -38.62
CA PRO C 22 -9.20 13.17 -37.30
C PRO C 22 -9.95 14.30 -36.61
N SER C 23 -9.48 14.68 -35.42
CA SER C 23 -10.19 15.67 -34.62
C SER C 23 -10.24 17.03 -35.30
N SER C 24 -9.14 17.46 -35.90
CA SER C 24 -9.12 18.78 -36.55
C SER C 24 -10.07 18.83 -37.73
N VAL C 25 -10.16 17.75 -38.49
CA VAL C 25 -11.07 17.70 -39.63
C VAL C 25 -12.51 17.61 -39.17
N ARG C 26 -12.77 16.88 -38.08
CA ARG C 26 -14.13 16.73 -37.59
C ARG C 26 -14.72 18.05 -37.11
N ARG C 27 -13.88 19.01 -36.72
CA ARG C 27 -14.41 20.32 -36.33
C ARG C 27 -15.07 21.02 -37.52
N VAL C 28 -14.44 20.95 -38.70
CA VAL C 28 -15.01 21.59 -39.88
C VAL C 28 -16.28 20.89 -40.32
N ILE C 29 -16.32 19.56 -40.21
CA ILE C 29 -17.52 18.82 -40.59
C ILE C 29 -18.68 19.22 -39.69
N MET C 30 -18.44 19.33 -38.38
CA MET C 30 -19.48 19.68 -37.42
C MET C 30 -19.63 21.20 -37.37
N SER C 31 -20.25 21.72 -38.41
CA SER C 31 -20.53 23.15 -38.53
C SER C 31 -22.04 23.37 -38.51
N ALA C 32 -22.45 24.54 -38.05
CA ALA C 32 -23.86 24.87 -37.93
C ALA C 32 -24.13 26.22 -38.58
N PRO C 33 -25.32 26.40 -39.13
CA PRO C 33 -25.66 27.70 -39.72
C PRO C 33 -25.88 28.74 -38.65
N LEU C 34 -25.46 29.96 -38.94
CA LEU C 34 -25.70 31.07 -38.02
C LEU C 34 -27.17 31.49 -38.08
N SER C 35 -27.62 32.13 -37.01
CA SER C 35 -28.95 32.70 -37.02
C SER C 35 -28.98 33.91 -37.96
N LYS C 36 -30.18 34.22 -38.44
CA LYS C 36 -30.34 35.33 -39.38
C LYS C 36 -29.87 36.64 -38.79
N GLU C 37 -30.03 36.84 -37.48
CA GLU C 37 -29.52 38.03 -36.83
C GLU C 37 -27.99 38.09 -36.92
N LEU C 38 -27.32 36.99 -36.59
CA LEU C 38 -25.87 36.96 -36.69
C LEU C 38 -25.40 36.83 -38.12
N ARG C 39 -26.21 36.21 -38.99
CA ARG C 39 -25.84 36.09 -40.39
C ARG C 39 -25.73 37.46 -41.04
N GLU C 40 -26.70 38.34 -40.78
CA GLU C 40 -26.65 39.69 -41.31
C GLU C 40 -25.67 40.58 -40.55
N LYS C 41 -25.30 40.20 -39.32
CA LYS C 41 -24.36 41.00 -38.56
C LYS C 41 -22.92 40.74 -38.97
N TYR C 42 -22.57 39.47 -39.19
CA TYR C 42 -21.20 39.08 -39.52
C TYR C 42 -21.01 38.75 -40.99
N ASN C 43 -22.10 38.67 -41.77
CA ASN C 43 -22.03 38.22 -43.16
C ASN C 43 -21.36 36.85 -43.25
N VAL C 44 -21.75 35.95 -42.35
CA VAL C 44 -21.21 34.60 -42.31
C VAL C 44 -22.38 33.62 -42.31
N ARG C 45 -22.31 32.63 -43.20
CA ARG C 45 -23.40 31.68 -43.33
C ARG C 45 -23.32 30.52 -42.35
N SER C 46 -22.11 30.07 -42.01
CA SER C 46 -21.96 28.93 -41.12
C SER C 46 -20.60 29.01 -40.44
N ILE C 47 -20.52 28.39 -39.27
CA ILE C 47 -19.29 28.39 -38.47
C ILE C 47 -19.10 27.02 -37.86
N PRO C 48 -17.84 26.61 -37.66
CA PRO C 48 -17.57 25.40 -36.89
C PRO C 48 -18.04 25.58 -35.46
N ILE C 49 -18.95 24.70 -35.02
CA ILE C 49 -19.57 24.87 -33.72
C ILE C 49 -18.53 24.66 -32.62
N ARG C 50 -18.75 25.31 -31.49
CA ARG C 50 -17.84 25.26 -30.36
C ARG C 50 -18.65 25.14 -29.08
N LYS C 51 -18.08 24.46 -28.08
CA LYS C 51 -18.71 24.40 -26.78
C LYS C 51 -18.65 25.77 -26.11
N GLY C 52 -19.81 26.27 -25.69
CA GLY C 52 -19.85 27.55 -25.02
C GLY C 52 -20.79 28.58 -25.62
N ASP C 53 -21.59 28.19 -26.61
CA ASP C 53 -22.52 29.13 -27.23
C ASP C 53 -23.90 28.51 -27.32
N GLU C 54 -24.93 29.36 -27.24
CA GLU C 54 -26.30 28.90 -27.25
C GLU C 54 -26.77 28.54 -28.66
N VAL C 55 -27.70 27.59 -28.72
CA VAL C 55 -28.08 26.92 -29.96
C VAL C 55 -29.58 26.64 -29.93
N GLN C 56 -30.22 26.77 -31.08
CA GLN C 56 -31.63 26.41 -31.26
C GLN C 56 -31.73 25.20 -32.17
N ILE C 57 -32.57 24.25 -31.80
CA ILE C 57 -32.77 23.03 -32.57
C ILE C 57 -33.92 23.23 -33.54
N VAL C 58 -33.68 22.91 -34.81
CA VAL C 58 -34.67 23.11 -35.85
C VAL C 58 -35.18 21.81 -36.45
N ARG C 59 -34.50 20.69 -36.23
CA ARG C 59 -34.91 19.41 -36.77
C ARG C 59 -34.83 18.35 -35.69
N GLY C 60 -35.79 17.43 -35.68
CA GLY C 60 -35.80 16.34 -34.73
C GLY C 60 -37.03 16.40 -33.84
N ALA C 61 -36.99 15.59 -32.79
CA ALA C 61 -38.07 15.57 -31.81
C ALA C 61 -37.93 16.65 -30.76
N HIS C 62 -36.87 17.45 -30.81
CA HIS C 62 -36.61 18.49 -29.84
C HIS C 62 -36.55 19.86 -30.50
N LYS C 63 -37.45 20.11 -31.44
CA LYS C 63 -37.45 21.36 -32.18
C LYS C 63 -37.79 22.54 -31.27
N ASP C 64 -37.31 23.72 -31.65
CA ASP C 64 -37.57 24.97 -30.94
C ASP C 64 -37.08 24.91 -29.50
N LYS C 65 -35.98 24.21 -29.27
CA LYS C 65 -35.36 24.10 -27.94
C LYS C 65 -34.07 24.90 -27.94
N GLU C 66 -33.98 25.90 -27.08
CA GLU C 66 -32.81 26.75 -26.99
C GLU C 66 -31.98 26.37 -25.78
N GLY C 67 -30.66 26.40 -25.96
CA GLY C 67 -29.77 26.10 -24.88
C GLY C 67 -28.33 26.15 -25.38
N LYS C 68 -27.42 26.30 -24.42
CA LYS C 68 -26.01 26.36 -24.75
C LYS C 68 -25.42 24.97 -24.83
N VAL C 69 -24.46 24.80 -25.74
CA VAL C 69 -23.81 23.51 -25.90
C VAL C 69 -22.90 23.25 -24.71
N THR C 70 -23.08 22.08 -24.10
CA THR C 70 -22.25 21.68 -22.97
C THR C 70 -21.06 20.84 -23.38
N SER C 71 -21.15 20.13 -24.51
CA SER C 71 -20.05 19.31 -24.98
C SER C 71 -20.14 19.16 -26.48
N VAL C 72 -19.01 19.35 -27.16
CA VAL C 72 -18.88 19.09 -28.59
C VAL C 72 -18.19 17.74 -28.69
N TYR C 73 -18.97 16.69 -28.84
CA TYR C 73 -18.48 15.31 -28.67
C TYR C 73 -18.21 14.77 -30.08
N ARG C 74 -16.96 14.98 -30.54
CA ARG C 74 -16.65 14.78 -31.96
C ARG C 74 -16.62 13.32 -32.37
N LEU C 75 -16.36 12.41 -31.42
CA LEU C 75 -16.28 10.99 -31.81
C LEU C 75 -17.59 10.52 -32.39
N LYS C 76 -18.72 10.90 -31.80
CA LYS C 76 -20.02 10.45 -32.27
C LYS C 76 -20.70 11.45 -33.17
N TYR C 77 -20.00 12.52 -33.59
CA TYR C 77 -20.59 13.53 -34.46
C TYR C 77 -21.86 14.13 -33.86
N VAL C 78 -21.84 14.38 -32.56
CA VAL C 78 -22.98 14.92 -31.84
C VAL C 78 -22.51 16.01 -30.89
N ILE C 79 -23.46 16.87 -30.49
CA ILE C 79 -23.23 17.89 -29.48
C ILE C 79 -24.35 17.76 -28.44
N HIS C 80 -24.09 18.30 -27.26
CA HIS C 80 -25.07 18.32 -26.17
C HIS C 80 -25.34 19.76 -25.80
N VAL C 81 -26.59 20.19 -25.90
CA VAL C 81 -27.00 21.49 -25.41
C VAL C 81 -27.65 21.27 -24.05
N GLU C 82 -27.79 22.35 -23.30
CA GLU C 82 -28.33 22.23 -21.95
C GLU C 82 -29.83 21.94 -21.98
N ARG C 83 -30.29 21.21 -20.97
CA ARG C 83 -31.69 20.89 -20.70
C ARG C 83 -32.32 19.94 -21.70
N VAL C 84 -31.58 19.42 -22.68
CA VAL C 84 -32.08 18.32 -23.50
C VAL C 84 -31.51 17.04 -22.90
N THR C 85 -32.37 16.26 -22.28
CA THR C 85 -31.95 15.05 -21.57
C THR C 85 -32.99 13.97 -21.77
N ARG C 86 -32.58 12.74 -21.48
CA ARG C 86 -33.47 11.60 -21.46
C ARG C 86 -33.21 10.84 -20.17
N GLU C 87 -34.28 10.44 -19.49
CA GLU C 87 -34.16 9.69 -18.26
C GLU C 87 -33.90 8.23 -18.59
N LYS C 88 -32.90 7.64 -17.94
CA LYS C 88 -32.68 6.20 -18.07
C LYS C 88 -33.76 5.48 -17.27
N ALA C 89 -33.65 4.16 -17.17
CA ALA C 89 -34.56 3.41 -16.31
C ALA C 89 -34.44 3.86 -14.87
N THR C 90 -33.20 4.08 -14.40
CA THR C 90 -32.93 4.52 -13.05
C THR C 90 -33.47 5.91 -12.75
N GLY C 91 -33.87 6.66 -13.77
CA GLY C 91 -34.29 8.03 -13.59
C GLY C 91 -33.17 9.05 -13.76
N GLN C 92 -31.93 8.60 -13.92
CA GLN C 92 -30.84 9.51 -14.20
C GLN C 92 -31.01 10.09 -15.61
N THR C 93 -30.65 11.36 -15.76
CA THR C 93 -30.80 12.06 -17.03
C THR C 93 -29.48 12.01 -17.78
N VAL C 94 -29.53 11.58 -19.04
CA VAL C 94 -28.34 11.56 -19.89
C VAL C 94 -28.54 12.58 -21.00
N PRO C 95 -27.50 13.31 -21.40
CA PRO C 95 -27.65 14.27 -22.50
C PRO C 95 -27.94 13.56 -23.81
N ILE C 96 -28.69 14.24 -24.66
CA ILE C 96 -29.07 13.73 -25.97
C ILE C 96 -28.18 14.39 -27.01
N GLY C 97 -27.55 13.59 -27.85
CA GLY C 97 -26.64 14.11 -28.86
C GLY C 97 -27.40 14.60 -30.08
N ILE C 98 -27.13 15.83 -30.48
CA ILE C 98 -27.78 16.46 -31.62
C ILE C 98 -26.73 16.80 -32.65
N HIS C 99 -26.97 16.42 -33.90
CA HIS C 99 -26.03 16.76 -34.96
C HIS C 99 -26.03 18.27 -35.19
N PRO C 100 -24.87 18.86 -35.42
CA PRO C 100 -24.81 20.32 -35.63
C PRO C 100 -25.56 20.79 -36.86
N SER C 101 -25.88 19.91 -37.80
CA SER C 101 -26.61 20.33 -39.00
C SER C 101 -28.10 20.51 -38.74
N ASN C 102 -28.62 19.97 -37.65
CA ASN C 102 -30.04 20.08 -37.32
C ASN C 102 -30.33 21.21 -36.36
N VAL C 103 -29.39 22.14 -36.19
CA VAL C 103 -29.52 23.22 -35.24
C VAL C 103 -29.13 24.53 -35.92
N VAL C 104 -29.32 25.63 -35.20
CA VAL C 104 -28.91 26.95 -35.65
C VAL C 104 -28.27 27.65 -34.46
N ILE C 105 -27.24 28.44 -34.73
CA ILE C 105 -26.51 29.13 -33.67
C ILE C 105 -27.14 30.51 -33.50
N THR C 106 -27.75 30.74 -32.33
CA THR C 106 -28.36 32.02 -32.03
C THR C 106 -27.43 32.97 -31.30
N LYS C 107 -26.47 32.44 -30.54
CA LYS C 107 -25.47 33.23 -29.87
C LYS C 107 -24.11 32.57 -30.04
N LEU C 108 -23.07 33.37 -30.15
CA LEU C 108 -21.72 32.87 -30.38
C LEU C 108 -20.89 32.95 -29.11
N HIS C 109 -19.85 32.14 -29.06
CA HIS C 109 -18.84 32.21 -28.00
C HIS C 109 -17.73 33.12 -28.50
N LEU C 110 -17.62 34.30 -27.90
CA LEU C 110 -16.80 35.38 -28.46
C LEU C 110 -15.40 35.30 -27.87
N ASP C 111 -14.44 34.82 -28.67
CA ASP C 111 -13.06 34.72 -28.27
C ASP C 111 -12.20 35.56 -29.20
N LYS C 112 -10.91 35.65 -28.89
CA LYS C 112 -10.02 36.43 -29.74
C LYS C 112 -9.83 35.76 -31.10
N ASP C 113 -9.81 34.42 -31.12
CA ASP C 113 -9.63 33.70 -32.37
C ASP C 113 -10.92 33.65 -33.19
N ARG C 114 -12.08 33.59 -32.55
CA ARG C 114 -13.33 33.62 -33.31
C ARG C 114 -13.50 34.95 -34.04
N GLU C 115 -12.95 36.03 -33.49
CA GLU C 115 -12.92 37.29 -34.23
C GLU C 115 -12.14 37.15 -35.52
N ASN C 116 -10.98 36.48 -35.46
CA ASN C 116 -10.21 36.24 -36.66
C ASN C 116 -10.95 35.33 -37.63
N ILE C 117 -11.60 34.27 -37.12
CA ILE C 117 -12.32 33.35 -37.99
C ILE C 117 -13.45 34.08 -38.70
N LEU C 118 -14.22 34.88 -37.94
CA LEU C 118 -15.31 35.63 -38.53
C LEU C 118 -14.80 36.70 -39.49
N ALA C 119 -13.69 37.35 -39.14
CA ALA C 119 -13.12 38.35 -40.04
C ALA C 119 -12.62 37.73 -41.33
N ARG C 120 -11.98 36.56 -41.25
CA ARG C 120 -11.50 35.87 -42.44
C ARG C 120 -12.66 35.47 -43.36
N ILE C 121 -13.72 34.90 -42.79
CA ILE C 121 -14.85 34.48 -43.61
C ILE C 121 -15.57 35.69 -44.21
N LYS C 122 -15.75 36.74 -43.40
CA LYS C 122 -16.42 37.94 -43.92
C LYS C 122 -15.60 38.57 -45.03
N ALA C 123 -14.31 38.82 -44.78
CA ALA C 123 -13.50 39.50 -45.78
C ALA C 123 -13.46 38.73 -47.08
N GLY C 124 -13.44 37.40 -46.99
CA GLY C 124 -13.46 36.59 -48.20
C GLY C 124 -14.74 36.70 -49.00
N ARG C 125 -15.88 36.81 -48.31
CA ARG C 125 -17.15 36.78 -49.02
C ARG C 125 -17.37 38.03 -49.87
N GLU C 126 -17.13 39.22 -49.32
CA GLU C 126 -17.24 40.41 -50.16
C GLU C 126 -16.09 40.52 -51.16
N GLN C 127 -14.89 40.03 -50.80
CA GLN C 127 -13.79 40.03 -51.75
C GLN C 127 -14.14 39.22 -52.99
N VAL C 128 -14.78 38.07 -52.80
CA VAL C 128 -15.29 37.30 -53.92
C VAL C 128 -16.31 38.11 -54.70
N ALA C 129 -17.17 38.84 -53.98
CA ALA C 129 -18.24 39.61 -54.63
C ALA C 129 -17.69 40.68 -55.55
N LYS C 130 -16.64 41.38 -55.12
CA LYS C 130 -16.05 42.41 -55.98
C LYS C 130 -15.45 41.79 -57.24
N ALA C 131 -14.79 40.65 -57.10
CA ALA C 131 -14.24 39.97 -58.28
C ALA C 131 -15.34 39.48 -59.20
N LYS C 132 -16.41 38.91 -58.63
CA LYS C 132 -17.51 38.42 -59.47
C LYS C 132 -18.36 39.56 -60.02
N GLY C 133 -18.45 40.67 -59.29
CA GLY C 133 -19.24 41.80 -59.73
C GLY C 133 -18.54 42.74 -60.69
N LYS C 134 -17.32 42.43 -61.09
CA LYS C 134 -16.55 43.28 -62.01
C LYS C 134 -17.25 43.41 -63.37
N ASN D 4 4.07 24.31 -7.15
CA ASN D 4 4.66 23.49 -8.20
C ASN D 4 3.64 23.17 -9.28
N GLY D 5 4.12 22.82 -10.46
CA GLY D 5 3.24 22.48 -11.55
C GLY D 5 4.01 21.95 -12.74
N LYS D 6 3.29 21.76 -13.84
CA LYS D 6 3.91 21.33 -15.08
C LYS D 6 4.84 22.43 -15.60
N VAL D 7 6.00 22.02 -16.09
CA VAL D 7 7.01 22.97 -16.56
C VAL D 7 6.72 23.28 -18.02
N LYS D 8 6.58 24.57 -18.33
CA LYS D 8 6.30 25.00 -19.68
C LYS D 8 7.58 25.00 -20.51
N ALA D 9 7.49 24.46 -21.73
CA ALA D 9 8.66 24.43 -22.60
C ALA D 9 9.07 25.82 -23.06
N GLY D 10 8.17 26.79 -22.99
CA GLY D 10 8.52 28.14 -23.41
C GLY D 10 9.56 28.78 -22.52
N GLN D 11 9.40 28.65 -21.20
CA GLN D 11 10.34 29.25 -20.27
C GLN D 11 11.66 28.49 -20.20
N LEU D 12 11.68 27.22 -20.59
CA LEU D 12 12.90 26.43 -20.53
C LEU D 12 13.96 26.95 -21.51
N TRP D 13 13.52 27.46 -22.66
CA TRP D 13 14.43 27.87 -23.71
C TRP D 13 15.27 29.08 -23.32
N SER D 14 14.92 29.77 -22.23
CA SER D 14 15.62 30.97 -21.81
C SER D 14 16.39 30.75 -20.50
N LYS D 15 16.96 29.55 -20.34
CA LYS D 15 17.69 29.20 -19.13
C LYS D 15 19.04 28.63 -19.51
N ASN D 16 20.06 28.98 -18.73
CA ASN D 16 21.40 28.47 -18.98
C ASN D 16 21.48 26.99 -18.61
N LYS D 17 22.62 26.39 -18.94
CA LYS D 17 22.77 24.95 -18.78
C LYS D 17 22.69 24.55 -17.30
N GLU D 18 23.42 25.27 -16.43
CA GLU D 18 23.49 24.87 -15.04
C GLU D 18 22.13 25.01 -14.34
N GLU D 19 21.32 26.00 -14.73
CA GLU D 19 19.96 26.07 -14.20
C GLU D 19 19.08 24.99 -14.77
N LEU D 20 19.35 24.56 -16.01
CA LEU D 20 18.62 23.44 -16.58
C LEU D 20 18.96 22.14 -15.86
N THR D 21 20.21 21.98 -15.46
CA THR D 21 20.60 20.79 -14.70
C THR D 21 19.95 20.76 -13.32
N LYS D 22 19.87 21.92 -12.65
CA LYS D 22 19.28 21.97 -11.32
C LYS D 22 17.81 21.58 -11.34
N ILE D 23 17.05 22.11 -12.30
CA ILE D 23 15.63 21.80 -12.38
C ILE D 23 15.41 20.34 -12.77
N LEU D 24 16.28 19.76 -13.58
CA LEU D 24 16.14 18.35 -13.93
C LEU D 24 16.28 17.45 -12.71
N GLY D 25 17.22 17.77 -11.82
CA GLY D 25 17.36 16.98 -10.60
C GLY D 25 16.14 17.04 -9.71
N GLU D 26 15.56 18.24 -9.57
CA GLU D 26 14.35 18.38 -8.75
C GLU D 26 13.20 17.60 -9.34
N LEU D 27 13.04 17.65 -10.66
CA LEU D 27 11.94 16.94 -11.32
C LEU D 27 12.06 15.43 -11.15
N LYS D 28 13.28 14.89 -11.32
CA LYS D 28 13.48 13.46 -11.14
C LYS D 28 13.23 13.05 -9.71
N THR D 29 13.69 13.84 -8.74
CA THR D 29 13.49 13.52 -7.33
C THR D 29 12.01 13.48 -6.98
N GLU D 30 11.25 14.48 -7.45
CA GLU D 30 9.82 14.52 -7.14
C GLU D 30 9.10 13.32 -7.73
N LEU D 31 9.50 12.89 -8.92
CA LEU D 31 8.87 11.72 -9.54
C LEU D 31 9.13 10.46 -8.74
N SER D 32 10.25 10.40 -8.03
CA SER D 32 10.61 9.20 -7.28
C SER D 32 9.65 8.95 -6.13
N GLN D 33 9.56 9.91 -5.20
CA GLN D 33 8.66 9.75 -4.05
C GLN D 33 7.20 9.69 -4.46
N LEU D 34 6.83 10.41 -5.52
CA LEU D 34 5.45 10.33 -5.99
C LEU D 34 5.12 8.97 -6.59
N ARG D 35 6.13 8.27 -7.10
CA ARG D 35 5.92 6.92 -7.61
C ARG D 35 5.91 5.88 -6.48
N ILE D 36 6.39 6.24 -5.30
CA ILE D 36 6.32 5.33 -4.15
C ILE D 36 4.88 5.15 -3.72
N GLN D 37 4.12 6.26 -3.66
CA GLN D 37 2.78 6.31 -3.09
C GLN D 37 1.74 5.63 -3.98
N LYS D 38 2.08 5.33 -5.23
CA LYS D 38 1.15 4.75 -6.19
C LYS D 38 0.55 3.43 -5.74
N ILE D 39 1.15 2.75 -4.76
CA ILE D 39 0.67 1.42 -4.36
C ILE D 39 -0.59 1.55 -3.52
N SER D 40 -1.71 1.05 -4.04
CA SER D 40 -3.05 0.99 -3.42
C SER D 40 -3.87 2.27 -3.53
N SER D 41 -3.42 3.28 -4.28
CA SER D 41 -4.09 4.57 -4.29
C SER D 41 -4.50 4.95 -5.70
N SER D 42 -5.79 5.26 -5.86
CA SER D 42 -6.36 5.77 -7.10
C SER D 42 -7.05 7.10 -6.87
N GLY D 43 -6.79 8.06 -7.74
CA GLY D 43 -7.38 9.38 -7.60
C GLY D 43 -6.65 10.49 -8.31
N ALA D 44 -6.39 11.60 -7.62
CA ALA D 44 -5.75 12.75 -8.24
C ALA D 44 -4.24 12.72 -8.10
N LYS D 45 -3.71 11.77 -7.33
CA LYS D 45 -2.27 11.68 -7.10
C LYS D 45 -1.55 11.34 -8.39
N LEU D 46 -2.14 10.44 -9.18
CA LEU D 46 -1.49 9.90 -10.37
C LEU D 46 -1.21 10.96 -11.43
N ASN D 47 -2.10 11.94 -11.57
CA ASN D 47 -1.96 12.90 -12.66
C ASN D 47 -0.61 13.61 -12.64
N LYS D 48 -0.06 13.82 -11.45
CA LYS D 48 1.20 14.57 -11.34
C LYS D 48 2.39 13.76 -11.87
N ILE D 49 2.44 12.45 -11.61
CA ILE D 49 3.57 11.66 -12.08
C ILE D 49 3.60 11.59 -13.59
N HIS D 50 2.43 11.53 -14.24
CA HIS D 50 2.39 11.60 -15.69
C HIS D 50 2.92 12.93 -16.18
N ASP D 51 2.52 14.02 -15.51
CA ASP D 51 3.02 15.35 -15.89
C ASP D 51 4.51 15.50 -15.60
N LEU D 52 4.97 14.91 -14.49
CA LEU D 52 6.39 14.99 -14.16
C LEU D 52 7.25 14.24 -15.18
N ARG D 53 6.77 13.08 -15.64
CA ARG D 53 7.52 12.34 -16.66
C ARG D 53 7.67 13.16 -17.92
N LYS D 54 6.58 13.77 -18.38
CA LYS D 54 6.65 14.61 -19.57
C LYS D 54 7.45 15.88 -19.31
N SER D 55 7.42 16.39 -18.08
CA SER D 55 8.20 17.58 -17.76
C SER D 55 9.69 17.29 -17.82
N ILE D 56 10.11 16.12 -17.36
CA ILE D 56 11.51 15.74 -17.45
C ILE D 56 11.94 15.65 -18.91
N ALA D 57 11.08 15.09 -19.77
CA ALA D 57 11.39 14.95 -21.18
C ALA D 57 11.63 16.30 -21.82
N ARG D 58 10.80 17.30 -21.50
CA ARG D 58 10.95 18.62 -22.09
C ARG D 58 12.29 19.25 -21.69
N VAL D 59 12.68 19.11 -20.43
CA VAL D 59 13.95 19.68 -19.98
C VAL D 59 15.11 18.99 -20.69
N LEU D 60 15.07 17.67 -20.80
CA LEU D 60 16.16 16.94 -21.43
C LEU D 60 16.34 17.36 -22.89
N THR D 61 15.24 17.52 -23.62
CA THR D 61 15.34 17.99 -25.00
C THR D 61 15.95 19.39 -25.07
N VAL D 62 15.55 20.27 -24.15
CA VAL D 62 16.10 21.62 -24.15
C VAL D 62 17.60 21.58 -23.87
N ILE D 63 18.02 20.79 -22.88
CA ILE D 63 19.45 20.65 -22.61
C ILE D 63 20.15 20.06 -23.83
N ASN D 64 19.55 19.03 -24.42
CA ASN D 64 20.13 18.39 -25.60
C ASN D 64 20.21 19.36 -26.77
N ALA D 65 19.11 20.07 -27.03
CA ALA D 65 19.06 20.95 -28.19
C ALA D 65 20.06 22.10 -28.06
N LYS D 66 20.15 22.70 -26.87
CA LYS D 66 21.13 23.77 -26.67
C LYS D 66 22.56 23.24 -26.78
N GLN D 67 22.79 22.01 -26.34
CA GLN D 67 24.11 21.40 -26.50
C GLN D 67 24.42 21.15 -27.98
N ARG D 68 23.45 20.64 -28.73
CA ARG D 68 23.66 20.38 -30.15
C ARG D 68 23.94 21.66 -30.91
N ALA D 69 23.22 22.74 -30.58
CA ALA D 69 23.44 24.01 -31.26
C ALA D 69 24.84 24.55 -31.01
N GLN D 70 25.34 24.41 -29.78
CA GLN D 70 26.69 24.87 -29.48
C GLN D 70 27.74 24.10 -30.27
N LEU D 71 27.57 22.78 -30.39
CA LEU D 71 28.53 21.97 -31.14
C LEU D 71 28.58 22.37 -32.60
N ARG D 72 27.41 22.60 -33.22
CA ARG D 72 27.38 23.03 -34.61
C ARG D 72 28.04 24.39 -34.78
N LEU D 73 28.01 25.24 -33.76
CA LEU D 73 28.71 26.52 -33.84
C LEU D 73 30.22 26.32 -33.76
N PHE D 74 30.68 25.46 -32.86
CA PHE D 74 32.11 25.20 -32.73
C PHE D 74 32.66 24.56 -33.99
N TYR D 75 31.93 23.62 -34.57
CA TYR D 75 32.39 22.89 -35.73
C TYR D 75 32.09 23.58 -37.04
N LYS D 76 31.65 24.83 -37.00
CA LYS D 76 31.57 25.63 -38.21
C LYS D 76 32.97 25.90 -38.73
N ASN D 77 33.12 25.90 -40.06
CA ASN D 77 34.43 26.06 -40.70
C ASN D 77 35.39 24.97 -40.25
N LYS D 78 34.91 23.73 -40.32
CA LYS D 78 35.72 22.56 -39.98
C LYS D 78 35.56 21.51 -41.07
N LYS D 79 36.68 20.92 -41.47
CA LYS D 79 36.64 19.95 -42.56
C LYS D 79 35.89 18.68 -42.16
N TYR D 80 36.15 18.17 -40.96
CA TYR D 80 35.59 16.90 -40.51
C TYR D 80 34.69 17.16 -39.31
N LEU D 81 33.39 17.05 -39.50
CA LEU D 81 32.41 17.16 -38.44
C LEU D 81 32.11 15.79 -37.85
N PRO D 82 31.63 15.74 -36.61
CA PRO D 82 31.23 14.45 -36.05
C PRO D 82 30.12 13.81 -36.87
N LEU D 83 29.99 12.50 -36.73
CA LEU D 83 29.05 11.76 -37.58
C LEU D 83 27.62 12.24 -37.37
N ASP D 84 27.22 12.47 -36.12
CA ASP D 84 25.85 12.88 -35.85
C ASP D 84 25.59 14.32 -36.28
N LEU D 85 26.61 15.18 -36.24
CA LEU D 85 26.45 16.55 -36.70
C LEU D 85 26.47 16.67 -38.21
N ARG D 86 27.01 15.68 -38.91
CA ARG D 86 27.04 15.71 -40.36
C ARG D 86 25.62 15.53 -40.92
N PRO D 87 25.33 16.15 -42.06
CA PRO D 87 24.00 15.98 -42.66
C PRO D 87 23.74 14.52 -43.04
N LYS D 88 22.50 14.09 -42.83
CA LYS D 88 22.06 12.75 -43.18
C LYS D 88 20.91 12.90 -44.16
N LEU D 89 21.10 12.39 -45.38
CA LEU D 89 20.02 12.38 -46.35
C LEU D 89 19.59 10.97 -46.69
N THR D 90 20.51 10.17 -47.23
CA THR D 90 20.42 8.75 -47.56
C THR D 90 21.84 8.32 -47.86
N ARG D 91 22.06 7.01 -47.89
CA ARG D 91 23.38 6.52 -48.25
C ARG D 91 23.73 6.93 -49.68
N ALA D 92 22.77 6.81 -50.60
CA ALA D 92 23.03 7.12 -52.00
C ALA D 92 23.36 8.59 -52.22
N LEU D 93 22.62 9.49 -51.57
CA LEU D 93 22.87 10.91 -51.77
C LEU D 93 24.23 11.35 -51.24
N ARG D 94 24.74 10.68 -50.21
CA ARG D 94 26.05 11.04 -49.68
C ARG D 94 27.18 10.55 -50.58
N ARG D 95 27.02 9.41 -51.23
CA ARG D 95 28.03 8.92 -52.16
C ARG D 95 27.95 9.58 -53.54
N ARG D 96 26.86 10.30 -53.81
CA ARG D 96 26.70 10.94 -55.12
C ARG D 96 27.77 12.01 -55.33
N LEU D 97 28.12 12.22 -56.60
CA LEU D 97 29.17 13.19 -56.93
C LEU D 97 28.77 14.60 -56.52
N SER D 98 29.77 15.39 -56.14
CA SER D 98 29.55 16.77 -55.75
C SER D 98 29.02 17.55 -56.95
N LYS D 99 28.38 18.69 -56.65
CA LYS D 99 27.82 19.50 -57.71
C LYS D 99 28.90 19.99 -58.66
N GLU D 100 30.04 20.42 -58.12
CA GLU D 100 31.13 20.87 -58.98
C GLU D 100 31.72 19.73 -59.79
N ASP D 101 31.84 18.54 -59.21
CA ASP D 101 32.48 17.44 -59.92
C ASP D 101 31.62 16.94 -61.07
N ALA D 102 30.32 16.77 -60.86
CA ALA D 102 29.45 16.25 -61.90
C ALA D 102 29.27 17.24 -63.05
N SER D 103 29.54 18.52 -62.82
CA SER D 103 29.37 19.54 -63.84
C SER D 103 30.69 19.97 -64.48
N ARG D 104 31.80 19.30 -64.15
CA ARG D 104 33.09 19.64 -64.73
C ARG D 104 33.13 19.28 -66.20
N VAL D 105 33.95 20.02 -66.95
CA VAL D 105 34.13 19.79 -68.38
C VAL D 105 35.62 19.85 -68.70
N LEU D 106 35.96 19.26 -69.84
CA LEU D 106 37.33 19.25 -70.32
C LEU D 106 37.68 20.56 -71.00
N GLU D 107 38.96 20.73 -71.31
CA GLU D 107 39.40 21.93 -72.02
C GLU D 107 38.75 22.02 -73.39
N LYS D 108 38.70 20.92 -74.12
CA LYS D 108 38.14 20.93 -75.47
C LYS D 108 36.64 21.16 -75.44
N THR D 109 35.93 20.57 -74.50
CA THR D 109 34.48 20.78 -74.41
C THR D 109 34.14 22.21 -74.05
N LYS D 110 34.95 22.81 -73.18
CA LYS D 110 34.74 24.22 -72.83
C LYS D 110 34.97 25.13 -74.03
N LYS D 111 35.93 24.77 -74.89
CA LYS D 111 36.19 25.58 -76.07
C LYS D 111 35.05 25.49 -77.08
N ARG D 112 34.45 24.31 -77.24
CA ARG D 112 33.32 24.17 -78.15
C ARG D 112 32.13 25.01 -77.71
N LEU D 113 31.81 24.97 -76.42
CA LEU D 113 30.63 25.68 -75.92
C LEU D 113 30.83 27.19 -75.93
N THR D 114 32.06 27.65 -75.73
CA THR D 114 32.31 29.08 -75.71
C THR D 114 32.02 29.70 -77.06
N HIS D 115 32.40 29.03 -78.15
CA HIS D 115 32.28 29.61 -79.48
C HIS D 115 31.08 29.10 -80.25
N PHE D 116 30.58 27.91 -79.96
CA PHE D 116 29.42 27.35 -80.66
C PHE D 116 28.43 26.79 -79.66
N PRO D 117 27.75 27.65 -78.91
CA PRO D 117 26.67 27.21 -78.03
C PRO D 117 25.38 27.11 -78.83
N GLN D 118 24.33 26.68 -78.15
CA GLN D 118 23.02 26.60 -78.78
C GLN D 118 22.44 28.01 -78.92
N ARG D 119 22.09 28.38 -80.14
CA ARG D 119 21.65 29.73 -80.44
C ARG D 119 20.14 29.86 -80.34
N LYS D 120 19.69 31.10 -80.13
CA LYS D 120 18.27 31.42 -80.11
C LYS D 120 17.88 31.84 -81.52
N TYR D 121 17.38 30.89 -82.30
CA TYR D 121 17.06 31.10 -83.70
C TYR D 121 15.56 30.98 -83.92
N ALA D 122 15.08 31.67 -84.93
CA ALA D 122 13.70 31.56 -85.39
C ALA D 122 13.70 31.45 -86.90
N VAL D 123 12.77 30.66 -87.44
CA VAL D 123 12.65 30.44 -88.87
C VAL D 123 11.25 30.84 -89.30
N LYS D 124 11.16 31.72 -90.28
CA LYS D 124 9.88 32.22 -90.75
C LYS D 124 9.20 31.22 -91.68
N ALA D 125 8.06 31.62 -92.24
CA ALA D 125 7.32 30.78 -93.15
C ALA D 125 6.86 31.57 -94.37
N PRO E 2 36.48 -23.30 16.16
CA PRO E 2 36.63 -23.28 17.61
C PRO E 2 37.95 -23.86 18.06
N GLN E 3 38.69 -23.13 18.89
CA GLN E 3 39.97 -23.57 19.40
C GLN E 3 40.00 -23.41 20.91
N GLU E 4 40.84 -24.21 21.56
CA GLU E 4 40.98 -24.19 23.00
C GLU E 4 42.22 -23.41 23.43
N VAL E 5 42.10 -22.73 24.56
CA VAL E 5 43.25 -22.20 25.28
C VAL E 5 43.46 -23.08 26.49
N SER E 6 44.61 -23.76 26.54
CA SER E 6 44.87 -24.67 27.65
C SER E 6 45.43 -23.93 28.85
N ASP E 7 46.34 -22.98 28.62
CA ASP E 7 46.95 -22.20 29.69
C ASP E 7 46.10 -20.98 30.02
N ILE E 8 46.15 -20.60 31.29
CA ILE E 8 45.40 -19.42 31.74
C ILE E 8 45.99 -18.16 31.14
N LYS E 9 47.32 -18.03 31.19
CA LYS E 9 47.96 -16.78 30.79
C LYS E 9 47.67 -16.42 29.34
N LYS E 10 47.69 -17.43 28.45
CA LYS E 10 47.41 -17.17 27.04
C LYS E 10 45.98 -16.67 26.84
N PHE E 11 45.06 -17.10 27.71
CA PHE E 11 43.66 -16.73 27.55
C PHE E 11 43.43 -15.24 27.74
N ILE E 12 44.09 -14.64 28.73
CA ILE E 12 43.92 -13.20 28.96
C ILE E 12 44.47 -12.40 27.79
N GLU E 13 45.63 -12.80 27.26
CA GLU E 13 46.17 -12.11 26.09
C GLU E 13 45.23 -12.22 24.90
N ILE E 14 44.60 -13.39 24.74
CA ILE E 14 43.60 -13.55 23.68
C ILE E 14 42.40 -12.65 23.94
N CYS E 15 42.02 -12.49 25.20
CA CYS E 15 40.96 -11.55 25.55
C CYS E 15 41.43 -10.10 25.47
N ARG E 16 42.74 -9.86 25.46
CA ARG E 16 43.26 -8.51 25.44
C ARG E 16 43.45 -7.93 24.05
N ARG E 17 43.54 -8.76 23.02
CA ARG E 17 43.75 -8.26 21.67
C ARG E 17 42.52 -7.52 21.14
N LYS E 18 42.76 -6.57 20.25
CA LYS E 18 41.77 -5.55 19.89
C LYS E 18 40.51 -6.11 19.25
N ASP E 19 40.55 -7.31 18.69
CA ASP E 19 39.40 -7.85 17.96
C ASP E 19 38.54 -8.76 18.83
N ALA E 20 38.71 -8.72 20.15
CA ALA E 20 37.89 -9.51 21.07
C ALA E 20 36.56 -8.78 21.27
N SER E 21 35.54 -9.18 20.52
CA SER E 21 34.27 -8.47 20.55
C SER E 21 33.52 -8.70 21.86
N SER E 22 33.42 -9.95 22.31
CA SER E 22 32.62 -10.28 23.48
C SER E 22 33.16 -11.56 24.11
N ALA E 36 32.61 -11.88 25.29
CA ALA E 36 32.98 -13.08 26.00
C ALA E 36 31.82 -13.52 26.87
N ARG E 37 31.88 -14.75 27.36
CA ARG E 37 30.80 -15.29 28.17
C ARG E 37 31.36 -16.34 29.12
N ILE E 38 30.58 -16.64 30.16
CA ILE E 38 30.89 -17.68 31.13
C ILE E 38 29.80 -18.72 31.10
N LYS E 39 30.19 -19.98 30.94
CA LYS E 39 29.25 -21.09 30.91
C LYS E 39 29.45 -21.94 32.15
N LYS E 40 28.36 -22.27 32.83
CA LYS E 40 28.38 -23.05 34.06
C LYS E 40 27.78 -24.42 33.79
N ASN E 41 28.53 -25.47 34.11
CA ASN E 41 28.06 -26.84 34.00
C ASN E 41 28.00 -27.42 35.41
N PRO E 42 26.86 -27.31 36.09
CA PRO E 42 26.79 -27.83 37.48
C PRO E 42 26.90 -29.34 37.56
N LYS E 43 26.49 -30.06 36.52
CA LYS E 43 26.56 -31.52 36.54
C LYS E 43 27.98 -32.04 36.55
N THR E 44 28.96 -31.20 36.24
CA THR E 44 30.36 -31.63 36.19
C THR E 44 31.29 -30.64 36.87
N GLN E 45 30.80 -29.46 37.30
CA GLN E 45 31.62 -28.40 37.88
C GLN E 45 32.70 -27.95 36.90
N GLN E 46 32.27 -27.58 35.70
CA GLN E 46 33.15 -27.05 34.67
C GLN E 46 32.70 -25.63 34.34
N ILE E 47 33.64 -24.71 34.31
CA ILE E 47 33.38 -23.31 33.96
C ILE E 47 34.08 -23.06 32.64
N LYS E 48 33.31 -22.71 31.62
CA LYS E 48 33.82 -22.50 30.27
C LYS E 48 33.90 -21.01 30.00
N PHE E 49 35.12 -20.50 29.85
CA PHE E 49 35.35 -19.10 29.50
C PHE E 49 35.57 -19.01 28.00
N LYS E 50 34.60 -18.46 27.28
CA LYS E 50 34.64 -18.35 25.84
C LYS E 50 34.74 -16.90 25.43
N VAL E 51 35.75 -16.57 24.63
CA VAL E 51 35.93 -15.22 24.10
C VAL E 51 35.83 -15.30 22.58
N ARG E 52 35.14 -14.34 21.98
CA ARG E 52 34.98 -14.27 20.54
C ARG E 52 35.90 -13.21 19.97
N CYS E 53 36.79 -13.62 19.06
CA CYS E 53 37.68 -12.72 18.35
C CYS E 53 37.22 -12.59 16.90
N GLN E 54 38.02 -11.92 16.07
CA GLN E 54 37.64 -11.71 14.68
C GLN E 54 37.52 -13.04 13.95
N ARG E 55 38.45 -13.96 14.17
CA ARG E 55 38.48 -15.20 13.43
C ARG E 55 37.94 -16.38 14.22
N PHE E 56 38.39 -16.58 15.45
CA PHE E 56 38.09 -17.80 16.19
C PHE E 56 37.34 -17.51 17.49
N LEU E 57 36.69 -18.57 18.00
CA LEU E 57 36.11 -18.60 19.32
C LEU E 57 36.99 -19.47 20.21
N TYR E 58 37.59 -18.87 21.22
CA TYR E 58 38.51 -19.56 22.11
C TYR E 58 37.82 -19.95 23.41
N THR E 59 37.91 -21.23 23.75
CA THR E 59 37.28 -21.78 24.96
C THR E 59 38.35 -22.25 25.93
N LEU E 60 38.19 -21.88 27.20
CA LEU E 60 39.07 -22.32 28.27
C LEU E 60 38.22 -23.04 29.30
N VAL E 61 38.53 -24.31 29.54
CA VAL E 61 37.76 -25.13 30.46
C VAL E 61 38.41 -25.07 31.84
N LEU E 62 37.61 -24.75 32.86
CA LEU E 62 38.08 -24.64 34.22
C LEU E 62 37.29 -25.58 35.12
N LYS E 63 37.97 -26.12 36.12
CA LYS E 63 37.35 -26.99 37.11
C LYS E 63 37.16 -26.30 38.45
N ASP E 64 38.19 -25.63 38.95
CA ASP E 64 38.11 -24.98 40.26
C ASP E 64 37.41 -23.63 40.15
N SER E 65 36.28 -23.50 40.83
CA SER E 65 35.57 -22.23 40.86
C SER E 65 36.37 -21.15 41.58
N ASP E 66 37.27 -21.56 42.49
CA ASP E 66 38.13 -20.60 43.15
C ASP E 66 39.03 -19.90 42.13
N LYS E 67 39.56 -20.66 41.17
CA LYS E 67 40.34 -20.06 40.10
C LYS E 67 39.47 -19.22 39.18
N ALA E 68 38.18 -19.56 39.06
CA ALA E 68 37.29 -18.84 38.16
C ALA E 68 37.11 -17.38 38.59
N GLU E 69 36.93 -17.15 39.89
CA GLU E 69 36.68 -15.80 40.36
C GLU E 69 37.88 -14.89 40.13
N LYS E 70 39.10 -15.41 40.26
CA LYS E 70 40.28 -14.59 40.02
C LYS E 70 40.36 -14.14 38.56
N LEU E 71 40.04 -15.04 37.64
CA LEU E 71 40.09 -14.74 36.20
C LEU E 71 39.09 -13.67 35.77
N LYS E 72 37.86 -13.67 36.29
CA LYS E 72 36.85 -12.75 35.78
C LYS E 72 37.21 -11.28 35.98
N GLN E 73 37.88 -10.94 37.08
CA GLN E 73 38.28 -9.56 37.36
C GLN E 73 39.71 -9.24 36.92
N SER E 74 40.39 -10.17 36.26
CA SER E 74 41.76 -9.96 35.82
C SER E 74 41.82 -9.50 34.37
N LEU E 75 40.91 -9.98 33.54
CA LEU E 75 40.85 -9.58 32.14
C LEU E 75 40.46 -8.11 32.07
N PRO E 76 40.79 -7.43 30.98
CA PRO E 76 40.48 -5.99 30.90
C PRO E 76 38.99 -5.73 31.00
N PRO E 77 38.60 -4.68 31.72
CA PRO E 77 37.17 -4.45 31.97
C PRO E 77 36.36 -4.12 30.74
N ASN E 78 37.00 -3.66 29.65
CA ASN E 78 36.25 -3.27 28.46
C ASN E 78 35.52 -4.45 27.83
N LEU E 79 35.99 -5.67 28.06
CA LEU E 79 35.38 -6.84 27.44
C LEU E 79 34.06 -7.17 28.11
N GLN E 80 33.01 -7.29 27.30
CA GLN E 80 31.68 -7.60 27.82
C GLN E 80 31.55 -9.09 28.10
N ILE E 81 31.07 -9.43 29.29
CA ILE E 81 30.96 -10.81 29.74
C ILE E 81 29.51 -11.07 30.10
N LYS E 82 28.99 -12.21 29.66
CA LYS E 82 27.65 -12.66 29.98
C LYS E 82 27.73 -14.02 30.69
N ASP E 83 26.61 -14.44 31.25
CA ASP E 83 26.57 -15.64 32.08
C ASP E 83 25.89 -16.83 31.39
N VAL E 84 25.51 -16.69 30.11
CA VAL E 84 24.91 -17.77 29.34
C VAL E 84 23.71 -18.37 30.07
N PRO E 85 22.57 -17.68 30.09
CA PRO E 85 21.39 -18.25 30.75
C PRO E 85 20.84 -19.46 30.00
N LYS E 86 20.21 -20.36 30.76
CA LYS E 86 19.56 -21.52 30.18
C LYS E 86 18.38 -21.10 29.31
N ARG E 87 18.17 -21.82 28.22
CA ARG E 87 17.10 -21.54 27.26
C ARG E 87 17.21 -20.12 26.70
N ASN E 88 18.29 -19.88 25.97
CA ASN E 88 18.45 -18.60 25.30
C ASN E 88 17.34 -18.43 24.27
N LYS E 89 16.56 -17.36 24.44
CA LYS E 89 15.41 -17.14 23.56
C LYS E 89 15.87 -16.77 22.15
N ARG E 90 15.09 -17.18 21.16
CA ARG E 90 15.41 -16.94 19.77
C ARG E 90 15.09 -15.50 19.39
N LYS H 60 -13.24 5.39 72.37
CA LYS H 60 -13.44 6.57 71.54
C LYS H 60 -12.17 7.43 71.47
N LYS H 61 -11.75 7.76 70.26
CA LYS H 61 -10.60 8.62 70.05
C LYS H 61 -11.05 9.92 69.40
N LYS H 62 -10.67 11.05 70.01
CA LYS H 62 -11.03 12.38 69.50
C LYS H 62 -9.88 12.89 68.65
N LYS H 63 -9.93 12.57 67.35
CA LYS H 63 -8.90 12.97 66.41
C LYS H 63 -9.18 14.36 65.84
N LYS H 64 -8.16 14.96 65.24
CA LYS H 64 -8.27 16.30 64.68
C LYS H 64 -9.31 16.35 63.57
N LYS H 65 -10.13 17.40 63.58
CA LYS H 65 -11.18 17.58 62.58
C LYS H 65 -11.14 19.05 62.12
N LYS H 66 -10.15 19.36 61.28
CA LYS H 66 -9.98 20.71 60.78
C LYS H 66 -11.15 21.09 59.87
N ASN H 67 -11.51 22.37 59.89
CA ASN H 67 -12.66 22.85 59.15
C ASN H 67 -12.48 22.62 57.65
N LYS H 68 -13.48 22.00 57.03
CA LYS H 68 -13.46 21.69 55.59
C LYS H 68 -14.62 22.42 54.91
N LYS H 69 -14.37 23.67 54.51
CA LYS H 69 -15.36 24.50 53.84
C LYS H 69 -16.01 23.76 52.67
N LYS H 70 -17.32 23.51 52.78
CA LYS H 70 -18.07 22.97 51.64
C LYS H 70 -18.01 23.93 50.45
N LYS H 71 -17.23 23.57 49.42
CA LYS H 71 -17.23 24.32 48.17
C LYS H 71 -18.59 24.31 47.49
N LYS H 72 -19.09 25.50 47.18
CA LYS H 72 -20.29 25.62 46.35
C LYS H 72 -20.03 25.00 44.98
N LYS H 73 -20.98 24.20 44.50
CA LYS H 73 -20.88 23.71 43.14
C LYS H 73 -20.93 24.88 42.16
N PRO H 74 -20.10 24.88 41.12
CA PRO H 74 -20.23 25.91 40.08
C PRO H 74 -21.57 25.82 39.36
N THR H 75 -22.13 26.99 39.07
CA THR H 75 -23.41 27.08 38.37
C THR H 75 -23.28 27.51 36.92
N GLN H 76 -22.09 27.91 36.47
CA GLN H 76 -21.93 28.41 35.12
C GLN H 76 -20.69 27.80 34.48
N GLN H 77 -20.59 27.98 33.16
CA GLN H 77 -19.55 27.37 32.34
C GLN H 77 -18.45 28.40 32.10
N SER H 78 -17.35 27.95 31.48
CA SER H 78 -16.19 28.80 31.24
C SER H 78 -15.85 28.78 29.75
N ASP H 79 -14.85 29.58 29.39
CA ASP H 79 -14.41 29.70 28.01
C ASP H 79 -12.91 29.46 27.96
N PRO H 80 -12.45 28.29 27.47
CA PRO H 80 -13.27 27.17 26.98
C PRO H 80 -13.91 26.33 28.10
N PRO H 81 -14.86 25.48 27.75
CA PRO H 81 -15.59 24.71 28.78
C PRO H 81 -14.68 23.69 29.45
N ARG H 82 -14.62 23.76 30.78
CA ARG H 82 -13.83 22.82 31.57
C ARG H 82 -14.56 22.33 32.81
N VAL H 83 -15.75 22.84 33.10
CA VAL H 83 -16.48 22.50 34.32
C VAL H 83 -17.24 21.19 34.11
N LEU H 84 -17.03 20.25 35.02
CA LEU H 84 -17.76 18.98 35.00
C LEU H 84 -19.25 19.23 34.89
N ILE H 85 -19.91 18.43 34.03
CA ILE H 85 -21.34 18.63 33.79
C ILE H 85 -22.14 18.33 35.05
N SER H 86 -21.68 17.39 35.89
CA SER H 86 -22.41 17.09 37.11
C SER H 86 -22.41 18.27 38.07
N HIS H 87 -21.38 19.11 38.00
CA HIS H 87 -21.35 20.31 38.82
C HIS H 87 -22.45 21.29 38.42
N LEU H 88 -22.84 21.30 37.15
CA LEU H 88 -23.83 22.25 36.68
C LEU H 88 -25.26 21.74 36.84
N PHE H 89 -25.45 20.47 37.19
CA PHE H 89 -26.77 19.89 37.40
C PHE H 89 -26.72 19.07 38.69
N PRO H 90 -26.75 19.75 39.84
CA PRO H 90 -26.45 19.07 41.12
C PRO H 90 -27.49 18.04 41.53
N ASP H 91 -28.70 18.07 40.99
CA ASP H 91 -29.71 17.08 41.32
C ASP H 91 -29.62 15.80 40.50
N GLY H 92 -28.68 15.72 39.56
CA GLY H 92 -28.51 14.53 38.76
C GLY H 92 -29.49 14.35 37.63
N LYS H 93 -30.37 15.32 37.37
CA LYS H 93 -31.32 15.22 36.27
C LYS H 93 -30.96 16.23 35.20
N TYR H 94 -30.83 15.77 33.99
CA TYR H 94 -30.41 16.52 32.83
C TYR H 94 -31.62 16.82 31.96
N PRO H 95 -31.59 17.92 31.20
CA PRO H 95 -32.80 18.33 30.48
C PRO H 95 -33.24 17.34 29.41
N ALA H 96 -34.55 17.14 29.33
CA ALA H 96 -35.16 16.45 28.20
C ALA H 96 -34.97 17.25 26.94
N GLY H 97 -34.98 16.56 25.80
CA GLY H 97 -34.97 17.25 24.52
C GLY H 97 -36.36 17.67 24.12
N GLU H 98 -36.50 17.99 22.83
CA GLU H 98 -37.78 18.44 22.29
C GLU H 98 -38.74 17.27 22.19
N GLU H 99 -39.90 17.39 22.83
CA GLU H 99 -40.90 16.32 22.88
C GLU H 99 -42.04 16.59 21.90
N VAL H 100 -42.28 15.64 21.00
CA VAL H 100 -43.30 15.75 19.97
C VAL H 100 -44.19 14.51 20.00
N GLU H 101 -45.50 14.72 20.04
CA GLU H 101 -46.44 13.62 19.93
C GLU H 101 -46.37 13.02 18.53
N TYR H 102 -46.65 11.72 18.44
CA TYR H 102 -46.81 11.06 17.16
C TYR H 102 -48.08 11.56 16.48
N VAL H 103 -48.11 11.42 15.16
CA VAL H 103 -49.19 11.99 14.37
C VAL H 103 -50.28 10.95 14.12
N ASN H 104 -51.49 11.46 13.87
CA ASN H 104 -52.61 10.73 13.27
C ASN H 104 -52.95 9.50 14.11
N GLU H 105 -52.93 8.29 13.57
CA GLU H 105 -53.36 7.07 14.22
C GLU H 105 -52.48 6.66 15.41
N ASN H 106 -51.40 7.39 15.68
CA ASN H 106 -50.53 7.12 16.82
C ASN H 106 -50.67 8.10 17.97
N ARG H 107 -51.59 9.07 17.89
CA ARG H 107 -51.74 10.03 18.98
C ARG H 107 -52.12 9.35 20.30
N TYR H 108 -52.83 8.21 20.25
CA TYR H 108 -53.21 7.51 21.46
C TYR H 108 -52.01 7.09 22.29
N ARG H 109 -50.84 7.00 21.66
CA ARG H 109 -49.66 6.47 22.32
C ARG H 109 -49.23 7.32 23.51
N THR H 110 -49.55 8.62 23.47
CA THR H 110 -49.09 9.56 24.48
C THR H 110 -49.55 9.16 25.88
N THR H 111 -50.79 8.67 26.00
CA THR H 111 -51.42 8.45 27.28
C THR H 111 -51.50 6.97 27.67
N SER H 112 -50.95 6.08 26.85
CA SER H 112 -51.04 4.65 27.15
C SER H 112 -50.32 4.32 28.46
N GLU H 113 -51.06 3.76 29.41
CA GLU H 113 -50.49 3.37 30.69
C GLU H 113 -49.43 2.29 30.56
N GLU H 114 -49.69 1.26 29.74
CA GLU H 114 -48.72 0.17 29.61
C GLU H 114 -47.40 0.64 29.01
N LYS H 115 -47.46 1.47 27.96
CA LYS H 115 -46.22 1.97 27.35
C LYS H 115 -45.45 2.92 28.27
N ARG H 116 -46.15 3.71 29.10
CA ARG H 116 -45.45 4.58 30.05
C ARG H 116 -44.64 3.78 31.05
N TYR H 117 -45.21 2.70 31.60
CA TYR H 117 -44.45 1.85 32.52
C TYR H 117 -43.30 1.17 31.79
N LEU H 118 -43.52 0.75 30.55
CA LEU H 118 -42.47 0.09 29.77
C LEU H 118 -41.28 1.03 29.59
N ASP H 119 -41.56 2.29 29.27
CA ASP H 119 -40.49 3.29 29.18
C ASP H 119 -39.75 3.43 30.50
N ASN H 120 -40.47 3.36 31.62
CA ASN H 120 -39.83 3.54 32.91
C ASN H 120 -38.85 2.42 33.23
N MET H 121 -39.00 1.26 32.60
CA MET H 121 -38.02 0.20 32.80
C MET H 121 -36.63 0.61 32.31
N GLN H 122 -36.57 1.45 31.27
CA GLN H 122 -35.30 1.92 30.72
C GLN H 122 -34.98 3.35 31.15
N SER H 123 -35.37 3.74 32.37
CA SER H 123 -35.13 5.10 32.84
C SER H 123 -33.66 5.46 32.78
N GLU H 124 -32.79 4.50 33.07
CA GLU H 124 -31.35 4.76 33.06
C GLU H 124 -30.85 5.02 31.65
N PHE H 125 -31.32 4.24 30.68
CA PHE H 125 -31.02 4.54 29.28
C PHE H 125 -31.41 5.97 28.93
N LEU H 126 -32.63 6.37 29.29
CA LEU H 126 -33.10 7.71 28.98
C LEU H 126 -32.28 8.81 29.66
N ASN H 127 -32.01 8.66 30.95
CA ASN H 127 -31.43 9.77 31.71
C ASN H 127 -29.96 10.03 31.40
N ASP H 128 -29.15 9.00 31.19
CA ASP H 128 -27.76 9.27 30.81
C ASP H 128 -27.68 9.82 29.38
N TYR H 129 -28.52 9.31 28.47
CA TYR H 129 -28.56 9.88 27.13
C TYR H 129 -28.91 11.35 27.19
N ARG H 130 -29.83 11.72 28.08
CA ARG H 130 -30.21 13.12 28.25
C ARG H 130 -29.00 13.92 28.73
N GLN H 131 -28.17 13.31 29.57
CA GLN H 131 -26.88 13.91 29.92
C GLN H 131 -26.01 14.12 28.69
N ALA H 132 -25.89 13.10 27.84
CA ALA H 132 -25.07 13.21 26.64
C ALA H 132 -25.57 14.30 25.72
N ALA H 133 -26.90 14.41 25.56
CA ALA H 133 -27.46 15.43 24.68
C ALA H 133 -27.19 16.84 25.23
N GLU H 134 -27.24 16.99 26.55
CA GLU H 134 -26.98 18.30 27.15
C GLU H 134 -25.53 18.70 26.98
N VAL H 135 -24.60 17.76 27.12
CA VAL H 135 -23.20 18.05 26.84
C VAL H 135 -23.04 18.51 25.40
N HIS H 136 -23.70 17.82 24.46
CA HIS H 136 -23.63 18.23 23.07
C HIS H 136 -24.07 19.67 22.87
N ARG H 137 -25.22 20.07 23.45
CA ARG H 137 -25.65 21.46 23.30
C ARG H 137 -24.62 22.45 23.81
N GLN H 138 -24.00 22.23 24.98
CA GLN H 138 -23.05 23.25 25.42
C GLN H 138 -21.82 23.29 24.53
N VAL H 139 -21.34 22.14 24.06
CA VAL H 139 -20.15 22.14 23.21
C VAL H 139 -20.44 22.80 21.86
N ARG H 140 -21.62 22.54 21.28
CA ARG H 140 -21.96 23.15 20.00
C ARG H 140 -22.22 24.65 20.15
N LYS H 141 -22.69 25.11 21.31
CA LYS H 141 -22.79 26.55 21.53
C LYS H 141 -21.43 27.21 21.52
N TRP H 142 -20.46 26.62 22.24
CA TRP H 142 -19.10 27.14 22.21
C TRP H 142 -18.56 27.14 20.78
N ALA H 143 -18.73 26.03 20.07
CA ALA H 143 -18.22 25.92 18.70
C ALA H 143 -18.87 26.96 17.81
N GLN H 144 -20.18 27.16 17.94
CA GLN H 144 -20.88 28.15 17.14
C GLN H 144 -20.37 29.56 17.42
N GLY H 145 -19.93 29.82 18.66
CA GLY H 145 -19.37 31.12 19.00
C GLY H 145 -17.91 31.31 18.65
N PHE H 146 -17.16 30.23 18.50
CA PHE H 146 -15.71 30.30 18.29
C PHE H 146 -15.30 30.26 16.82
N VAL H 147 -15.91 29.39 16.03
CA VAL H 147 -15.44 29.16 14.66
C VAL H 147 -15.60 30.41 13.82
N LYS H 148 -14.51 30.83 13.20
CA LYS H 148 -14.49 32.01 12.34
C LYS H 148 -13.41 31.82 11.30
N PRO H 149 -13.50 32.50 10.16
CA PRO H 149 -12.35 32.57 9.25
C PRO H 149 -11.10 33.01 9.99
N GLY H 150 -9.99 32.33 9.72
CA GLY H 150 -8.75 32.61 10.39
C GLY H 150 -8.42 31.64 11.52
N LYS H 151 -9.38 30.82 11.95
CA LYS H 151 -9.11 29.80 12.94
C LYS H 151 -8.53 28.56 12.28
N SER H 152 -7.58 27.92 12.96
CA SER H 152 -6.99 26.70 12.42
C SER H 152 -7.84 25.49 12.81
N LEU H 153 -7.86 24.50 11.93
CA LEU H 153 -8.55 23.24 12.24
C LEU H 153 -7.94 22.53 13.43
N ILE H 154 -6.61 22.57 13.56
CA ILE H 154 -5.95 21.89 14.67
C ILE H 154 -6.42 22.45 16.02
N GLU H 155 -6.48 23.78 16.14
CA GLU H 155 -6.85 24.35 17.42
C GLU H 155 -8.34 24.19 17.70
N ILE H 156 -9.17 24.15 16.65
CA ILE H 156 -10.59 23.87 16.85
C ILE H 156 -10.78 22.45 17.37
N SER H 157 -10.10 21.49 16.75
CA SER H 157 -10.24 20.09 17.15
C SER H 157 -9.74 19.87 18.57
N GLU H 158 -8.58 20.44 18.90
CA GLU H 158 -8.05 20.31 20.26
C GLU H 158 -8.97 20.95 21.28
N GLY H 159 -9.52 22.12 20.94
CA GLY H 159 -10.45 22.76 21.84
C GLY H 159 -11.73 21.96 22.06
N ILE H 160 -12.28 21.40 20.99
CA ILE H 160 -13.51 20.60 21.11
C ILE H 160 -13.26 19.38 21.98
N GLU H 161 -12.18 18.64 21.69
CA GLU H 161 -11.91 17.42 22.46
C GLU H 161 -11.66 17.73 23.93
N ASP H 162 -10.86 18.77 24.21
CA ASP H 162 -10.57 19.13 25.59
C ASP H 162 -11.84 19.52 26.34
N SER H 163 -12.73 20.24 25.67
CA SER H 163 -13.96 20.67 26.33
C SER H 163 -14.84 19.46 26.62
N VAL H 164 -15.02 18.59 25.62
CA VAL H 164 -15.82 17.38 25.82
C VAL H 164 -15.21 16.54 26.94
N ARG H 165 -13.90 16.29 26.87
CA ARG H 165 -13.26 15.42 27.86
C ARG H 165 -13.32 16.02 29.26
N ALA H 166 -13.17 17.33 29.38
CA ALA H 166 -13.28 17.96 30.69
C ALA H 166 -14.69 17.87 31.22
N LEU H 167 -15.69 18.09 30.36
CA LEU H 167 -17.08 18.10 30.80
C LEU H 167 -17.54 16.70 31.21
N VAL H 168 -17.11 15.66 30.49
CA VAL H 168 -17.51 14.31 30.85
C VAL H 168 -16.64 13.71 31.95
N GLY H 169 -15.48 14.31 32.22
CA GLY H 169 -14.65 13.79 33.29
C GLY H 169 -13.83 12.58 32.90
N HIS H 170 -13.43 12.47 31.65
CA HIS H 170 -12.71 11.29 31.16
C HIS H 170 -11.55 11.75 30.28
N PRO H 171 -10.33 11.77 30.82
CA PRO H 171 -9.16 12.19 30.01
C PRO H 171 -8.89 11.30 28.81
N GLY H 172 -9.38 10.06 28.82
CA GLY H 172 -9.18 9.15 27.70
C GLY H 172 -7.74 8.74 27.51
N LEU H 173 -6.99 8.61 28.60
CA LEU H 173 -5.62 8.10 28.58
C LEU H 173 -5.49 6.73 29.23
N GLU H 174 -6.17 6.53 30.35
CA GLU H 174 -6.21 5.24 31.03
C GLU H 174 -7.08 4.22 30.31
N GLU H 175 -6.64 2.96 30.35
CA GLU H 175 -7.42 1.85 29.83
C GLU H 175 -8.84 1.86 30.40
N GLY H 176 -9.82 1.66 29.54
CA GLY H 176 -11.20 1.64 29.93
C GLY H 176 -11.89 2.99 29.95
N ASP H 177 -11.13 4.08 30.02
CA ASP H 177 -11.73 5.38 30.26
C ASP H 177 -12.51 5.88 29.05
N ALA H 178 -11.95 5.73 27.85
CA ALA H 178 -12.66 6.16 26.66
C ALA H 178 -13.93 5.33 26.40
N LEU H 179 -14.00 4.11 26.92
CA LEU H 179 -15.18 3.28 26.75
C LEU H 179 -16.29 3.58 27.75
N LYS H 180 -16.00 4.31 28.83
CA LYS H 180 -17.06 4.72 29.74
C LYS H 180 -17.83 5.93 29.23
N ALA H 181 -17.14 6.95 28.71
CA ALA H 181 -17.82 8.13 28.20
C ALA H 181 -16.82 9.02 27.47
N GLY H 182 -17.34 9.80 26.53
CA GLY H 182 -16.56 10.77 25.78
C GLY H 182 -16.97 10.91 24.33
N MET H 183 -15.98 11.12 23.45
CA MET H 183 -16.26 11.25 22.03
C MET H 183 -16.80 9.95 21.46
N GLY H 184 -17.90 10.06 20.71
CA GLY H 184 -18.45 8.88 20.04
C GLY H 184 -17.73 8.53 18.75
N PHE H 185 -17.03 9.50 18.18
CA PHE H 185 -16.34 9.34 16.90
C PHE H 185 -15.53 10.61 16.65
N PRO H 186 -14.56 10.57 15.74
CA PRO H 186 -13.72 11.75 15.51
C PRO H 186 -14.54 12.94 15.06
N VAL H 187 -14.19 14.11 15.58
CA VAL H 187 -14.85 15.33 15.14
C VAL H 187 -14.69 15.47 13.62
N GLY H 188 -15.62 16.19 13.01
CA GLY H 188 -15.59 16.49 11.59
C GLY H 188 -15.28 17.95 11.32
N LEU H 189 -14.26 18.18 10.49
CA LEU H 189 -13.81 19.51 10.12
C LEU H 189 -13.65 19.50 8.61
N SER H 190 -14.75 19.72 7.90
CA SER H 190 -14.84 19.46 6.46
C SER H 190 -14.99 20.78 5.72
N ILE H 191 -14.05 21.08 4.83
CA ILE H 191 -13.96 22.39 4.20
C ILE H 191 -14.40 22.28 2.75
N ASN H 192 -15.23 23.23 2.31
CA ASN H 192 -15.59 23.44 0.92
C ASN H 192 -16.25 22.21 0.31
N HIS H 193 -15.59 21.59 -0.67
CA HIS H 193 -16.11 20.41 -1.36
C HIS H 193 -16.10 19.15 -0.51
N CYS H 194 -15.41 19.15 0.63
CA CYS H 194 -15.44 17.99 1.52
C CYS H 194 -16.71 18.00 2.35
N ALA H 195 -17.51 16.94 2.23
CA ALA H 195 -18.79 16.86 2.91
C ALA H 195 -18.67 16.25 4.30
N ALA H 196 -17.72 15.34 4.49
CA ALA H 196 -17.65 14.58 5.73
C ALA H 196 -16.30 13.88 5.80
N HIS H 197 -15.92 13.50 7.02
CA HIS H 197 -14.81 12.60 7.30
C HIS H 197 -13.44 13.22 7.01
N TYR H 198 -13.33 14.54 7.03
CA TYR H 198 -12.03 15.21 7.01
C TYR H 198 -11.65 15.59 8.43
N ASN H 199 -10.42 15.27 8.82
CA ASN H 199 -9.84 15.75 10.04
C ASN H 199 -8.36 16.00 9.82
N PRO H 200 -7.83 17.15 10.25
CA PRO H 200 -6.39 17.39 10.12
C PRO H 200 -5.62 16.43 11.02
N ASN H 201 -4.56 15.85 10.49
CA ASN H 201 -3.66 15.05 11.30
C ASN H 201 -2.60 15.95 11.96
N SER H 202 -1.74 15.33 12.76
CA SER H 202 -0.71 16.05 13.48
C SER H 202 0.13 16.88 12.53
N GLY H 203 0.48 18.10 12.96
CA GLY H 203 1.33 18.95 12.17
C GLY H 203 0.61 19.75 11.10
N ASN H 204 -0.70 19.62 11.00
CA ASN H 204 -1.46 20.36 9.99
C ASN H 204 -1.41 21.86 10.27
N LYS H 205 -1.22 22.64 9.20
CA LYS H 205 -1.07 24.08 9.30
C LYS H 205 -2.16 24.85 8.56
N ILE H 206 -3.17 24.16 8.04
CA ILE H 206 -4.23 24.79 7.26
C ILE H 206 -5.04 25.73 8.15
N VAL H 207 -5.29 26.94 7.65
CA VAL H 207 -6.12 27.93 8.32
C VAL H 207 -7.35 28.19 7.47
N LEU H 208 -8.50 28.34 8.13
CA LEU H 208 -9.75 28.60 7.43
C LEU H 208 -9.70 29.99 6.79
N GLN H 209 -10.21 30.09 5.55
CA GLN H 209 -10.27 31.34 4.82
C GLN H 209 -11.70 31.82 4.66
N GLN H 210 -11.83 33.09 4.24
CA GLN H 210 -13.15 33.73 4.16
C GLN H 210 -14.13 32.90 3.33
N ASP H 211 -13.65 32.29 2.25
CA ASP H 211 -14.50 31.57 1.32
C ASP H 211 -14.62 30.08 1.62
N ASP H 212 -14.38 29.67 2.87
CA ASP H 212 -14.56 28.27 3.25
C ASP H 212 -15.97 28.03 3.78
N VAL H 213 -16.46 26.81 3.54
CA VAL H 213 -17.70 26.30 4.09
C VAL H 213 -17.32 25.13 4.98
N ILE H 214 -17.51 25.26 6.29
CA ILE H 214 -16.98 24.28 7.24
C ILE H 214 -18.14 23.53 7.90
N LYS H 215 -18.05 22.21 7.90
CA LYS H 215 -19.01 21.33 8.55
C LYS H 215 -18.46 20.84 9.87
N ILE H 216 -19.20 21.03 10.95
CA ILE H 216 -18.76 20.63 12.28
C ILE H 216 -19.67 19.51 12.77
N ASP H 217 -19.11 18.31 12.90
CA ASP H 217 -19.84 17.11 13.26
C ASP H 217 -19.27 16.57 14.56
N ILE H 218 -20.06 16.64 15.64
CA ILE H 218 -19.59 16.28 16.98
C ILE H 218 -20.36 15.06 17.44
N GLY H 219 -19.64 14.04 17.90
CA GLY H 219 -20.25 12.89 18.54
C GLY H 219 -19.79 12.66 19.95
N VAL H 220 -20.73 12.49 20.89
CA VAL H 220 -20.43 12.20 22.28
C VAL H 220 -21.19 10.95 22.70
N HIS H 221 -20.53 10.06 23.43
CA HIS H 221 -21.18 8.86 23.94
C HIS H 221 -21.05 8.78 25.45
N VAL H 222 -22.05 8.18 26.07
CA VAL H 222 -21.99 7.79 27.48
C VAL H 222 -22.42 6.33 27.54
N ASN H 223 -21.54 5.46 28.05
CA ASN H 223 -21.82 4.03 28.17
C ASN H 223 -22.25 3.41 26.85
N GLY H 224 -21.71 3.93 25.75
CA GLY H 224 -21.97 3.41 24.42
C GLY H 224 -23.22 3.94 23.74
N ARG H 225 -23.98 4.79 24.40
CA ARG H 225 -25.06 5.55 23.79
C ARG H 225 -24.51 6.86 23.23
N ILE H 226 -24.48 6.95 21.89
CA ILE H 226 -23.79 8.01 21.16
C ILE H 226 -24.80 9.03 20.65
N VAL H 227 -24.56 10.30 20.97
CA VAL H 227 -25.30 11.40 20.34
C VAL H 227 -24.47 11.91 19.17
N ASP H 228 -25.03 11.81 17.96
CA ASP H 228 -24.40 12.30 16.75
C ASP H 228 -25.25 13.42 16.17
N SER H 229 -24.71 14.63 16.16
CA SER H 229 -25.41 15.76 15.57
C SER H 229 -24.40 16.69 14.92
N ALA H 230 -24.81 17.36 13.86
CA ALA H 230 -23.89 18.10 13.01
C ALA H 230 -24.59 19.31 12.43
N PHE H 231 -23.79 20.33 12.13
CA PHE H 231 -24.32 21.56 11.57
C PHE H 231 -23.26 22.21 10.69
N THR H 232 -23.69 23.19 9.89
CA THR H 232 -22.84 23.87 8.93
C THR H 232 -22.79 25.37 9.20
N MET H 233 -21.62 25.97 8.99
CA MET H 233 -21.46 27.41 9.03
C MET H 233 -20.85 27.92 7.73
N ALA H 234 -21.20 29.15 7.38
CA ALA H 234 -20.64 29.86 6.25
C ALA H 234 -20.73 31.35 6.56
N TRP H 235 -19.92 32.14 5.86
CA TRP H 235 -19.82 33.56 6.16
C TRP H 235 -20.11 34.46 4.97
N ASN H 236 -20.23 33.92 3.77
CA ASN H 236 -20.61 34.68 2.58
C ASN H 236 -22.10 34.47 2.35
N ASP H 237 -22.86 35.57 2.35
CA ASP H 237 -24.32 35.46 2.35
C ASP H 237 -24.85 34.69 1.15
N GLN H 238 -24.11 34.64 0.04
CA GLN H 238 -24.57 33.84 -1.09
C GLN H 238 -24.63 32.37 -0.72
N PHE H 239 -23.83 31.95 0.27
CA PHE H 239 -23.84 30.58 0.75
C PHE H 239 -24.92 30.35 1.80
N ASN H 240 -25.48 31.42 2.36
CA ASN H 240 -26.45 31.28 3.45
C ASN H 240 -27.68 30.48 3.06
N PRO H 241 -28.27 30.62 1.88
CA PRO H 241 -29.52 29.90 1.58
C PRO H 241 -29.41 28.39 1.74
N LEU H 242 -28.22 27.82 1.52
CA LEU H 242 -28.07 26.37 1.61
C LEU H 242 -28.47 25.86 2.98
N LEU H 243 -28.05 26.55 4.05
CA LEU H 243 -28.39 26.12 5.41
C LEU H 243 -29.90 25.99 5.61
N GLU H 244 -30.68 26.98 5.16
CA GLU H 244 -32.13 26.88 5.35
C GLU H 244 -32.71 25.69 4.62
N ALA H 245 -32.25 25.45 3.38
CA ALA H 245 -32.77 24.31 2.61
C ALA H 245 -32.58 23.02 3.38
N VAL H 246 -31.36 22.76 3.86
CA VAL H 246 -31.08 21.50 4.54
C VAL H 246 -31.80 21.46 5.89
N ARG H 247 -31.88 22.61 6.55
CA ARG H 247 -32.62 22.72 7.80
C ARG H 247 -34.06 22.26 7.63
N ALA H 248 -34.71 22.67 6.54
CA ALA H 248 -36.09 22.30 6.31
C ALA H 248 -36.24 20.79 6.19
N ALA H 249 -35.32 20.15 5.46
CA ALA H 249 -35.40 18.70 5.29
C ALA H 249 -35.23 17.98 6.63
N THR H 250 -34.25 18.42 7.43
CA THR H 250 -34.07 17.85 8.75
C THR H 250 -35.32 18.07 9.59
N ASN H 251 -35.84 19.30 9.58
CA ASN H 251 -37.05 19.59 10.32
C ASN H 251 -38.23 18.82 9.76
N ALA H 252 -38.27 18.67 8.43
CA ALA H 252 -39.33 17.87 7.81
C ALA H 252 -39.24 16.42 8.25
N GLY H 253 -38.01 15.90 8.33
CA GLY H 253 -37.83 14.54 8.82
C GLY H 253 -38.36 14.40 10.24
N ILE H 254 -38.12 15.43 11.06
CA ILE H 254 -38.62 15.41 12.44
C ILE H 254 -40.14 15.30 12.42
N ARG H 255 -40.81 16.06 11.56
CA ARG H 255 -42.25 15.96 11.44
C ARG H 255 -42.68 14.60 10.92
N GLU H 256 -41.95 14.06 9.95
CA GLU H 256 -42.33 12.77 9.37
C GLU H 256 -41.95 11.57 10.21
N ALA H 257 -40.90 11.66 11.03
CA ALA H 257 -40.46 10.50 11.78
C ALA H 257 -41.54 10.04 12.77
N GLY H 258 -41.59 8.73 12.97
CA GLY H 258 -42.51 8.15 13.93
C GLY H 258 -42.68 6.67 13.70
N ILE H 259 -43.27 6.01 14.69
CA ILE H 259 -43.59 4.60 14.60
C ILE H 259 -44.52 4.34 13.42
N ASP H 260 -44.19 3.31 12.63
CA ASP H 260 -44.93 2.75 11.49
C ASP H 260 -44.76 3.61 10.24
N ALA H 261 -44.02 4.71 10.31
CA ALA H 261 -43.78 5.53 9.13
C ALA H 261 -42.86 4.78 8.16
N ARG H 262 -43.16 4.89 6.86
CA ARG H 262 -42.39 4.18 5.84
C ARG H 262 -41.28 5.09 5.32
N VAL H 263 -40.06 4.56 5.33
CA VAL H 263 -38.85 5.37 5.13
C VAL H 263 -38.83 5.98 3.74
N GLY H 264 -39.41 5.28 2.75
CA GLY H 264 -39.40 5.80 1.39
C GLY H 264 -40.20 7.08 1.25
N GLU H 265 -41.20 7.28 2.10
CA GLU H 265 -41.95 8.53 2.09
C GLU H 265 -41.10 9.69 2.61
N ILE H 266 -40.31 9.46 3.66
CA ILE H 266 -39.36 10.48 4.10
C ILE H 266 -38.41 10.84 2.96
N GLY H 267 -37.87 9.83 2.27
CA GLY H 267 -36.99 10.09 1.15
C GLY H 267 -37.68 10.86 0.05
N GLY H 268 -38.93 10.50 -0.26
CA GLY H 268 -39.66 11.20 -1.30
C GLY H 268 -39.97 12.64 -0.97
N VAL H 269 -40.37 12.91 0.28
CA VAL H 269 -40.64 14.28 0.72
C VAL H 269 -39.38 15.14 0.64
N ILE H 270 -38.25 14.57 1.05
CA ILE H 270 -36.96 15.24 0.91
C ILE H 270 -36.74 15.69 -0.53
N GLN H 271 -37.12 14.85 -1.49
CA GLN H 271 -36.92 15.21 -2.89
C GLN H 271 -37.73 16.45 -3.29
N GLU H 272 -39.01 16.53 -2.95
CA GLU H 272 -39.73 17.75 -3.35
C GLU H 272 -39.12 19.00 -2.72
N VAL H 273 -38.77 18.95 -1.43
CA VAL H 273 -38.24 20.14 -0.77
C VAL H 273 -36.90 20.57 -1.38
N MET H 274 -35.97 19.62 -1.59
CA MET H 274 -34.67 20.02 -2.14
C MET H 274 -34.79 20.62 -3.53
N GLU H 275 -35.54 19.99 -4.43
CA GLU H 275 -35.66 20.60 -5.75
C GLU H 275 -36.59 21.81 -5.75
N SER H 276 -37.31 22.06 -4.65
CA SER H 276 -38.10 23.27 -4.54
C SER H 276 -37.28 24.46 -4.06
N TYR H 277 -35.99 24.28 -3.77
CA TYR H 277 -35.12 25.34 -3.31
C TYR H 277 -34.05 25.60 -4.37
N GLU H 278 -33.62 26.86 -4.46
CA GLU H 278 -32.54 27.26 -5.33
C GLU H 278 -31.71 28.34 -4.64
N VAL H 279 -30.50 28.55 -5.14
CA VAL H 279 -29.55 29.46 -4.51
C VAL H 279 -28.78 30.17 -5.60
N GLU H 280 -28.58 31.48 -5.42
CA GLU H 280 -27.83 32.29 -6.36
C GLU H 280 -26.38 32.33 -5.92
N ILE H 281 -25.48 31.86 -6.79
CA ILE H 281 -24.05 31.88 -6.52
C ILE H 281 -23.35 32.44 -7.74
N ASN H 282 -22.61 33.54 -7.56
CA ASN H 282 -21.78 34.15 -8.62
C ASN H 282 -22.57 34.33 -9.91
N GLY H 283 -23.81 34.79 -9.80
CA GLY H 283 -24.60 35.12 -10.96
C GLY H 283 -25.33 33.97 -11.60
N LYS H 284 -25.05 32.74 -11.18
CA LYS H 284 -25.66 31.54 -11.72
C LYS H 284 -26.44 30.79 -10.64
N THR H 285 -27.62 30.29 -11.02
CA THR H 285 -28.55 29.63 -10.10
C THR H 285 -28.44 28.12 -10.13
N TYR H 286 -28.35 27.50 -8.95
CA TYR H 286 -28.25 26.05 -8.79
C TYR H 286 -29.37 25.53 -7.90
N PRO H 287 -30.13 24.53 -8.37
CA PRO H 287 -31.04 23.81 -7.48
C PRO H 287 -30.31 23.00 -6.42
N VAL H 288 -30.95 22.86 -5.27
CA VAL H 288 -30.43 22.03 -4.19
C VAL H 288 -30.80 20.58 -4.46
N LYS H 289 -29.79 19.70 -4.48
CA LYS H 289 -29.97 18.28 -4.76
C LYS H 289 -29.64 17.44 -3.55
N PRO H 290 -30.49 16.49 -3.17
CA PRO H 290 -30.09 15.53 -2.13
C PRO H 290 -28.88 14.71 -2.59
N ILE H 291 -27.99 14.40 -1.65
CA ILE H 291 -26.91 13.47 -1.93
C ILE H 291 -27.44 12.06 -1.75
N ARG H 292 -27.95 11.49 -2.85
CA ARG H 292 -28.68 10.22 -2.80
C ARG H 292 -27.90 9.13 -2.06
N ASN H 293 -26.60 9.04 -2.28
CA ASN H 293 -25.81 7.92 -1.78
C ASN H 293 -25.32 8.15 -0.35
N LEU H 294 -25.95 9.07 0.38
CA LEU H 294 -25.78 9.20 1.82
C LEU H 294 -27.15 8.95 2.47
N ASN H 295 -27.15 8.46 3.70
CA ASN H 295 -28.37 8.03 4.37
C ASN H 295 -28.21 8.15 5.87
N GLY H 296 -29.33 8.34 6.56
CA GLY H 296 -29.38 8.19 8.00
C GLY H 296 -29.32 6.73 8.42
N HIS H 297 -29.38 6.52 9.73
CA HIS H 297 -29.09 5.20 10.26
C HIS H 297 -29.61 5.07 11.68
N ASN H 298 -29.77 3.81 12.10
CA ASN H 298 -30.04 3.46 13.49
C ASN H 298 -28.74 3.49 14.30
N ILE H 299 -28.90 3.60 15.61
CA ILE H 299 -27.78 3.63 16.55
C ILE H 299 -27.95 2.48 17.52
N LEU H 300 -26.87 1.76 17.78
CA LEU H 300 -26.89 0.63 18.69
C LEU H 300 -25.91 0.94 19.82
N PRO H 301 -25.91 0.21 20.93
CA PRO H 301 -24.89 0.46 21.96
C PRO H 301 -23.47 0.29 21.45
N TYR H 302 -22.65 1.31 21.71
CA TYR H 302 -21.23 1.34 21.33
C TYR H 302 -21.00 1.21 19.83
N SER H 303 -21.98 1.56 19.00
CA SER H 303 -21.84 1.40 17.56
C SER H 303 -22.68 2.46 16.85
N ILE H 304 -22.02 3.31 16.07
CA ILE H 304 -22.66 4.49 15.51
C ILE H 304 -23.66 4.14 14.42
N HIS H 305 -23.42 3.07 13.67
CA HIS H 305 -24.27 2.67 12.55
C HIS H 305 -24.88 1.31 12.84
N GLY H 306 -26.22 1.23 12.79
CA GLY H 306 -26.91 -0.04 12.81
C GLY H 306 -27.18 -0.58 11.42
N THR H 307 -28.16 -1.48 11.34
CA THR H 307 -28.46 -2.17 10.09
C THR H 307 -29.55 -1.52 9.25
N LYS H 308 -30.35 -0.62 9.80
CA LYS H 308 -31.45 -0.01 9.06
C LYS H 308 -31.08 1.40 8.63
N SER H 309 -31.51 1.79 7.45
CA SER H 309 -31.25 3.09 6.88
C SER H 309 -32.54 3.84 6.60
N VAL H 310 -32.45 5.17 6.64
CA VAL H 310 -33.54 6.06 6.26
C VAL H 310 -33.05 6.92 5.10
N PRO H 311 -33.38 6.55 3.87
CA PRO H 311 -32.88 7.29 2.70
C PRO H 311 -33.43 8.70 2.60
N ILE H 312 -32.76 9.47 1.75
CA ILE H 312 -33.14 10.85 1.44
C ILE H 312 -33.54 10.99 -0.03
N VAL H 313 -33.78 9.87 -0.71
CA VAL H 313 -34.44 9.82 -2.00
C VAL H 313 -35.56 8.79 -1.88
N LYS H 314 -36.47 8.79 -2.85
CA LYS H 314 -37.60 7.88 -2.78
C LYS H 314 -37.15 6.44 -2.94
N THR H 315 -37.79 5.54 -2.21
CA THR H 315 -37.59 4.10 -2.36
C THR H 315 -38.90 3.40 -2.04
N HIS H 316 -38.91 2.07 -2.25
CA HIS H 316 -40.04 1.25 -1.85
C HIS H 316 -39.76 0.54 -0.53
N ASP H 317 -38.67 0.89 0.14
CA ASP H 317 -38.25 0.22 1.38
C ASP H 317 -39.36 0.20 2.44
N GLN H 318 -39.71 -1.00 2.92
CA GLN H 318 -40.78 -1.17 3.90
C GLN H 318 -40.23 -1.37 5.30
N THR H 319 -39.12 -0.72 5.62
CA THR H 319 -38.56 -0.80 6.97
C THR H 319 -39.23 0.28 7.82
N LYS H 320 -39.71 -0.12 8.98
CA LYS H 320 -40.40 0.79 9.89
C LYS H 320 -39.49 1.24 11.02
N MET H 321 -39.68 2.50 11.43
CA MET H 321 -39.12 2.96 12.69
C MET H 321 -39.90 2.31 13.82
N GLU H 322 -39.21 1.88 14.87
CA GLU H 322 -39.86 1.13 15.93
C GLU H 322 -39.58 1.73 17.30
N GLU H 323 -40.54 1.51 18.20
CA GLU H 323 -40.41 1.88 19.60
C GLU H 323 -39.10 1.39 20.20
N GLY H 324 -38.38 2.30 20.85
CA GLY H 324 -37.12 2.02 21.51
C GLY H 324 -35.89 2.31 20.66
N ASP H 325 -36.07 2.51 19.36
CA ASP H 325 -34.97 2.81 18.46
C ASP H 325 -34.49 4.25 18.64
N VAL H 326 -33.25 4.48 18.20
CA VAL H 326 -32.68 5.82 18.10
C VAL H 326 -32.22 6.02 16.66
N PHE H 327 -32.61 7.14 16.06
CA PHE H 327 -32.27 7.42 14.68
C PHE H 327 -31.48 8.70 14.56
N ALA H 328 -30.49 8.68 13.67
CA ALA H 328 -29.79 9.87 13.19
C ALA H 328 -30.48 10.37 11.94
N ILE H 329 -31.17 11.50 12.04
CA ILE H 329 -31.78 12.14 10.87
C ILE H 329 -30.79 13.16 10.34
N GLU H 330 -30.20 12.83 9.19
CA GLU H 330 -29.18 13.65 8.55
C GLU H 330 -29.61 13.95 7.13
N THR H 331 -29.33 15.17 6.68
CA THR H 331 -29.56 15.56 5.30
C THR H 331 -28.33 16.20 4.69
N PHE H 332 -28.21 16.03 3.38
CA PHE H 332 -27.09 16.56 2.61
C PHE H 332 -27.66 17.27 1.39
N GLY H 333 -27.16 18.46 1.12
CA GLY H 333 -27.50 19.18 -0.09
C GLY H 333 -26.26 19.51 -0.91
N SER H 334 -26.44 19.60 -2.21
CA SER H 334 -25.33 19.82 -3.13
C SER H 334 -25.83 20.61 -4.32
N THR H 335 -24.95 21.45 -4.87
CA THR H 335 -25.23 22.11 -6.14
C THR H 335 -24.76 21.30 -7.33
N GLY H 336 -24.12 20.17 -7.11
CA GLY H 336 -23.58 19.35 -8.18
C GLY H 336 -24.45 18.21 -8.65
N LYS H 337 -23.84 17.02 -8.73
CA LYS H 337 -24.51 15.81 -9.22
C LYS H 337 -25.39 15.15 -8.17
N GLY H 338 -25.18 15.43 -6.88
CA GLY H 338 -25.93 14.79 -5.83
C GLY H 338 -25.43 13.44 -5.37
N TYR H 339 -24.14 13.16 -5.57
CA TYR H 339 -23.51 11.99 -4.98
C TYR H 339 -22.02 12.27 -4.82
N VAL H 340 -21.43 11.73 -3.75
CA VAL H 340 -20.07 12.05 -3.36
C VAL H 340 -19.19 10.82 -3.49
N ILE H 341 -17.91 11.06 -3.76
CA ILE H 341 -16.91 10.01 -3.83
C ILE H 341 -15.84 10.25 -2.77
N GLU H 342 -15.11 9.19 -2.44
CA GLU H 342 -13.99 9.27 -1.53
C GLU H 342 -12.78 9.89 -2.21
N SER H 343 -12.18 10.90 -1.57
CA SER H 343 -11.01 11.56 -2.13
C SER H 343 -10.29 12.33 -1.03
N GLY H 344 -8.98 12.13 -0.96
CA GLY H 344 -8.11 12.91 -0.08
C GLY H 344 -7.40 12.04 0.94
N GLU H 345 -6.57 12.69 1.75
CA GLU H 345 -5.83 12.00 2.78
C GLU H 345 -6.80 11.45 3.81
N VAL H 346 -6.58 10.22 4.24
CA VAL H 346 -7.48 9.54 5.17
C VAL H 346 -7.04 9.81 6.60
N SER H 347 -8.00 10.18 7.44
CA SER H 347 -7.78 10.39 8.87
C SER H 347 -8.71 9.58 9.75
N HIS H 348 -9.88 9.18 9.25
CA HIS H 348 -10.92 8.56 10.06
C HIS H 348 -10.89 7.05 9.89
N TYR H 349 -11.12 6.33 10.97
CA TYR H 349 -11.09 4.87 10.96
C TYR H 349 -12.16 4.36 11.91
N ALA H 350 -12.59 3.12 11.71
CA ALA H 350 -13.49 2.47 12.65
C ALA H 350 -13.36 0.97 12.54
N LEU H 351 -13.31 0.31 13.70
CA LEU H 351 -13.34 -1.15 13.75
C LEU H 351 -14.72 -1.65 13.36
N ARG H 352 -14.74 -2.68 12.52
CA ARG H 352 -16.00 -3.24 12.04
C ARG H 352 -16.61 -4.18 13.07
N GLY H 353 -17.92 -4.05 13.28
CA GLY H 353 -18.60 -5.00 14.14
C GLY H 353 -18.59 -6.40 13.58
N ASP H 354 -18.83 -6.53 12.27
CA ASP H 354 -18.68 -7.81 11.58
C ASP H 354 -17.23 -7.96 11.09
N ALA H 355 -16.32 -8.02 12.06
CA ALA H 355 -14.91 -8.04 11.74
C ALA H 355 -14.47 -9.45 11.37
N PRO H 356 -13.74 -9.63 10.27
CA PRO H 356 -13.17 -10.94 9.98
C PRO H 356 -12.20 -11.35 11.07
N LYS H 357 -12.31 -12.60 11.52
CA LYS H 357 -11.42 -13.05 12.58
C LYS H 357 -10.14 -13.65 12.01
N VAL H 358 -9.57 -12.99 11.00
CA VAL H 358 -8.36 -13.47 10.38
C VAL H 358 -7.26 -13.57 11.43
N ASP H 359 -6.45 -14.61 11.36
CA ASP H 359 -5.28 -14.71 12.24
C ASP H 359 -4.16 -13.87 11.65
N LEU H 360 -4.11 -12.61 12.08
CA LEU H 360 -3.15 -11.63 11.60
C LEU H 360 -1.74 -12.22 11.57
N ARG H 361 -1.03 -11.97 10.46
CA ARG H 361 0.35 -12.41 10.32
C ARG H 361 1.38 -11.38 10.78
N LEU H 362 1.01 -10.13 10.99
CA LEU H 362 1.96 -9.08 11.32
C LEU H 362 1.85 -8.74 12.81
N SER H 363 2.98 -8.83 13.51
CA SER H 363 2.99 -8.57 14.95
C SER H 363 2.58 -7.15 15.28
N SER H 364 3.08 -6.17 14.50
CA SER H 364 2.63 -4.79 14.67
C SER H 364 1.11 -4.72 14.66
N ALA H 365 0.49 -5.41 13.70
CA ALA H 365 -0.96 -5.52 13.65
C ALA H 365 -1.50 -6.28 14.87
N LYS H 366 -0.80 -7.33 15.31
CA LYS H 366 -1.30 -8.16 16.40
C LYS H 366 -1.53 -7.33 17.65
N SER H 367 -0.66 -6.36 17.91
CA SER H 367 -0.84 -5.47 19.04
C SER H 367 -1.91 -4.43 18.76
N LEU H 368 -1.66 -3.57 17.77
CA LEU H 368 -2.53 -2.44 17.45
C LEU H 368 -4.01 -2.79 17.51
N LEU H 369 -4.39 -3.97 17.01
CA LEU H 369 -5.80 -4.35 17.01
C LEU H 369 -6.34 -4.45 18.42
N ASN H 370 -5.58 -5.09 19.32
CA ASN H 370 -6.01 -5.21 20.70
C ASN H 370 -6.08 -3.82 21.34
N VAL H 371 -5.11 -2.95 21.03
CA VAL H 371 -5.12 -1.62 21.60
C VAL H 371 -6.38 -0.88 21.17
N ILE H 372 -6.78 -1.03 19.91
CA ILE H 372 -8.01 -0.39 19.45
C ILE H 372 -9.22 -0.94 20.21
N LYS H 373 -9.28 -2.27 20.36
CA LYS H 373 -10.45 -2.85 21.03
C LYS H 373 -10.50 -2.42 22.49
N ARG H 374 -9.36 -2.45 23.17
CA ARG H 374 -9.36 -2.11 24.59
C ARG H 374 -9.65 -0.63 24.81
N HIS H 375 -9.06 0.23 23.99
CA HIS H 375 -9.17 1.68 24.21
C HIS H 375 -10.39 2.29 23.53
N PHE H 376 -10.75 1.80 22.34
CA PHE H 376 -11.85 2.35 21.57
C PHE H 376 -13.00 1.37 21.34
N GLY H 377 -12.75 0.07 21.43
CA GLY H 377 -13.75 -0.91 21.04
C GLY H 377 -14.22 -0.71 19.61
N THR H 378 -15.54 -0.69 19.42
CA THR H 378 -16.13 -0.48 18.10
C THR H 378 -16.44 0.98 17.82
N LEU H 379 -16.11 1.88 18.74
CA LEU H 379 -16.29 3.30 18.49
C LEU H 379 -15.26 3.77 17.47
N PRO H 380 -15.63 4.63 16.52
CA PRO H 380 -14.64 5.18 15.59
C PRO H 380 -13.60 6.02 16.31
N PHE H 381 -12.40 6.01 15.74
CA PHE H 381 -11.25 6.73 16.27
C PHE H 381 -10.53 7.45 15.13
N CYS H 382 -9.57 8.30 15.50
CA CYS H 382 -8.74 9.01 14.53
C CYS H 382 -7.28 8.82 14.91
N ARG H 383 -6.39 9.24 14.01
CA ARG H 383 -4.96 9.08 14.25
C ARG H 383 -4.52 9.79 15.54
N ARG H 384 -5.03 11.00 15.77
CA ARG H 384 -4.59 11.75 16.95
C ARG H 384 -4.98 11.04 18.23
N PHE H 385 -6.07 10.26 18.20
CA PHE H 385 -6.44 9.48 19.37
C PHE H 385 -5.43 8.38 19.63
N LEU H 386 -4.70 7.93 18.61
CA LEU H 386 -3.57 7.03 18.80
C LEU H 386 -2.35 7.77 19.31
N ASP H 387 -2.04 8.94 18.75
CA ASP H 387 -0.87 9.69 19.18
C ASP H 387 -0.93 9.98 20.67
N ARG H 388 -2.12 10.31 21.17
CA ARG H 388 -2.31 10.65 22.58
C ARG H 388 -2.22 9.45 23.51
N LEU H 389 -2.16 8.23 22.96
CA LEU H 389 -1.99 7.03 23.77
C LEU H 389 -0.54 6.62 23.95
N GLY H 390 0.36 7.15 23.13
CA GLY H 390 1.75 6.71 23.14
C GLY H 390 1.93 5.37 22.45
N GLN H 391 1.82 5.37 21.13
CA GLN H 391 2.09 4.20 20.30
C GLN H 391 3.25 4.39 19.34
N GLU H 392 3.85 5.57 19.31
CA GLU H 392 5.02 5.95 18.49
C GLU H 392 4.63 5.74 17.02
N LYS H 393 5.40 5.01 16.23
CA LYS H 393 5.04 4.72 14.84
C LYS H 393 4.15 3.49 14.79
N TYR H 394 2.94 3.65 14.25
CA TYR H 394 1.97 2.56 14.24
C TYR H 394 1.19 2.44 12.94
N LEU H 395 1.46 3.29 11.94
CA LEU H 395 0.62 3.29 10.74
C LEU H 395 0.68 1.93 10.04
N LEU H 396 1.83 1.26 10.08
CA LEU H 396 1.98 0.01 9.35
C LEU H 396 0.96 -1.01 9.83
N GLY H 397 0.83 -1.17 11.15
CA GLY H 397 -0.17 -2.08 11.65
C GLY H 397 -1.55 -1.61 11.26
N LEU H 398 -1.78 -0.29 11.31
CA LEU H 398 -3.09 0.26 11.00
C LEU H 398 -3.44 0.02 9.55
N ASN H 399 -2.49 0.29 8.65
CA ASN H 399 -2.74 0.11 7.22
C ASN H 399 -2.90 -1.36 6.90
N ASN H 400 -2.13 -2.23 7.55
CA ASN H 400 -2.31 -3.65 7.37
C ASN H 400 -3.70 -4.07 7.80
N LEU H 401 -4.18 -3.53 8.92
CA LEU H 401 -5.50 -3.90 9.42
C LEU H 401 -6.56 -3.45 8.43
N VAL H 402 -6.39 -2.26 7.85
CA VAL H 402 -7.32 -1.78 6.84
C VAL H 402 -7.29 -2.69 5.62
N SER H 403 -6.09 -3.07 5.19
CA SER H 403 -5.96 -3.89 3.99
C SER H 403 -6.62 -5.24 4.20
N ASN H 404 -6.39 -5.86 5.36
CA ASN H 404 -7.06 -7.12 5.69
C ASN H 404 -8.58 -6.95 5.68
N GLY H 405 -9.07 -5.77 6.01
CA GLY H 405 -10.49 -5.51 6.10
C GLY H 405 -11.08 -5.59 7.47
N ILE H 406 -10.27 -5.78 8.52
CA ILE H 406 -10.80 -5.76 9.87
C ILE H 406 -11.28 -4.37 10.26
N VAL H 407 -10.51 -3.34 9.91
CA VAL H 407 -10.78 -1.97 10.32
C VAL H 407 -10.95 -1.12 9.07
N GLU H 408 -12.14 -0.58 8.87
CA GLU H 408 -12.43 0.22 7.69
C GLU H 408 -11.94 1.66 7.88
N ASP H 409 -11.20 2.16 6.90
CA ASP H 409 -10.79 3.55 6.86
C ASP H 409 -11.85 4.39 6.14
N TYR H 410 -12.21 5.52 6.76
CA TYR H 410 -13.27 6.38 6.24
C TYR H 410 -12.68 7.65 5.62
N PRO H 411 -12.40 7.65 4.32
CA PRO H 411 -11.76 8.80 3.70
C PRO H 411 -12.74 9.95 3.57
N PRO H 412 -12.26 11.18 3.42
CA PRO H 412 -13.18 12.30 3.14
C PRO H 412 -14.03 12.04 1.91
N LEU H 413 -15.27 12.52 1.97
CA LEU H 413 -16.25 12.34 0.89
C LEU H 413 -16.53 13.68 0.25
N VAL H 414 -16.35 13.75 -1.07
CA VAL H 414 -16.45 15.01 -1.81
C VAL H 414 -17.36 14.83 -3.01
N ASP H 415 -18.11 15.89 -3.32
CA ASP H 415 -18.81 16.04 -4.59
C ASP H 415 -17.83 16.68 -5.59
N GLU H 416 -18.35 17.12 -6.74
CA GLU H 416 -17.47 17.58 -7.80
C GLU H 416 -16.76 18.87 -7.40
N LYS H 417 -15.58 19.08 -7.99
CA LYS H 417 -14.81 20.29 -7.72
C LYS H 417 -15.63 21.53 -8.05
N GLY H 418 -15.52 22.53 -7.17
CA GLY H 418 -16.20 23.80 -7.36
C GLY H 418 -17.62 23.85 -6.82
N SER H 419 -18.17 22.75 -6.35
CA SER H 419 -19.50 22.74 -5.80
C SER H 419 -19.47 23.08 -4.31
N TYR H 420 -20.65 23.36 -3.76
CA TYR H 420 -20.80 23.64 -2.35
C TYR H 420 -21.88 22.76 -1.75
N THR H 421 -21.59 22.22 -0.57
CA THR H 421 -22.44 21.26 0.13
C THR H 421 -22.73 21.77 1.52
N ALA H 422 -23.90 21.40 2.06
CA ALA H 422 -24.26 21.75 3.42
C ALA H 422 -24.80 20.53 4.13
N GLN H 423 -24.67 20.52 5.45
CA GLN H 423 -25.06 19.37 6.26
C GLN H 423 -25.62 19.82 7.61
N PHE H 424 -26.74 19.20 8.00
CA PHE H 424 -27.31 19.27 9.34
C PHE H 424 -27.71 17.86 9.78
N GLU H 425 -27.61 17.62 11.09
CA GLU H 425 -27.89 16.29 11.64
C GLU H 425 -28.47 16.42 13.04
N HIS H 426 -29.45 15.58 13.36
CA HIS H 426 -29.96 15.41 14.70
C HIS H 426 -30.08 13.94 15.04
N THR H 427 -30.03 13.65 16.34
CA THR H 427 -30.38 12.36 16.90
C THR H 427 -31.77 12.43 17.53
N ILE H 428 -32.61 11.44 17.24
CA ILE H 428 -33.95 11.34 17.80
C ILE H 428 -34.06 10.02 18.55
N LEU H 429 -34.71 10.06 19.72
CA LEU H 429 -35.01 8.85 20.48
C LEU H 429 -36.48 8.51 20.30
N ILE H 430 -36.74 7.27 19.90
CA ILE H 430 -38.11 6.79 19.65
C ILE H 430 -38.63 6.17 20.94
N ARG H 431 -39.14 7.04 21.81
CA ARG H 431 -39.55 6.64 23.16
C ARG H 431 -40.88 5.91 23.02
N PRO H 432 -41.29 5.12 24.02
CA PRO H 432 -42.56 4.37 23.88
C PRO H 432 -43.80 5.22 23.66
N THR H 433 -43.88 6.43 24.22
CA THR H 433 -45.07 7.25 24.05
C THR H 433 -44.90 8.26 22.91
N VAL H 434 -43.80 9.01 22.90
CA VAL H 434 -43.61 10.13 21.99
C VAL H 434 -42.18 10.09 21.46
N LYS H 435 -41.95 10.84 20.40
CA LYS H 435 -40.61 11.05 19.85
C LYS H 435 -39.91 12.19 20.56
N GLU H 436 -38.64 11.98 20.90
CA GLU H 436 -37.83 12.99 21.57
C GLU H 436 -36.67 13.37 20.66
N VAL H 437 -36.69 14.60 20.17
CA VAL H 437 -35.58 15.15 19.39
C VAL H 437 -34.60 15.72 20.41
N ILE H 438 -33.75 14.84 20.94
CA ILE H 438 -33.03 15.13 22.17
C ILE H 438 -31.95 16.19 21.94
N SER H 439 -31.41 16.26 20.73
CA SER H 439 -30.29 17.15 20.44
C SER H 439 -30.73 18.52 19.93
N ARG H 440 -32.03 18.79 19.88
CA ARG H 440 -32.50 20.10 19.44
C ARG H 440 -31.97 21.20 20.35
N GLY H 441 -31.58 22.31 19.74
CA GLY H 441 -31.21 23.51 20.47
C GLY H 441 -31.78 24.75 19.80
N ASP H 442 -31.38 25.94 20.28
CA ASP H 442 -31.84 27.17 19.67
C ASP H 442 -31.11 27.52 18.38
N ASP H 443 -29.99 26.86 18.09
CA ASP H 443 -29.28 27.09 16.83
C ASP H 443 -29.93 26.32 15.69
N TYR H 444 -30.21 25.04 15.92
CA TYR H 444 -30.82 24.19 14.91
C TYR H 444 -31.45 22.97 15.57
#